data_7X2C
#
_entry.id   7X2C
#
_cell.length_a   1.00
_cell.length_b   1.00
_cell.length_c   1.00
_cell.angle_alpha   90.00
_cell.angle_beta   90.00
_cell.angle_gamma   90.00
#
_symmetry.space_group_name_H-M   'P 1'
#
loop_
_entity.id
_entity.type
_entity.pdbx_description
1 polymer 'D(1A) dopamine receptor'
2 polymer 'Guanine nucleotide-binding protein G(s) subunit alpha isoforms short, Isoform Gnas-2 of Guanine nucleotide-binding protein G(s) subunit alpha isoforms short'
3 polymer 'Guanine nucleotide-binding protein G(I)/G(S)/G(T) subunit beta-1'
4 polymer 'Guanine nucleotide-binding protein G(I)/G(S)/G(O) subunit gamma-2'
5 polymer Nanobody35
6 non-polymer CHOLESTEROL
7 non-polymer (1R)-6-chloranyl-1-(4-hydroxyphenyl)-2,3,4,5-tetrahydro-1H-3-benzazepine-7,8-diol
#
loop_
_entity_poly.entity_id
_entity_poly.type
_entity_poly.pdbx_seq_one_letter_code
_entity_poly.pdbx_strand_id
1 'polypeptide(L)'
;MKTIIALSYIFCLVFADYKDDDDASIDMRTLNTSAMDGTGLVVERDFSVRILTACFLSLLILSTLLGNTLVCAAVIRFRH
LRSKVTNFFVISLAVSDLLVAVLVMPWKAVAEIAGFWPFGSFCNIWVAFDIMCSTASILNLCVISVDRYWAISSPFRYER
KMTPKAAFILISVAWTLSVLISFIPVQLSWHKAKPTSPSDGNATSLAETIDNCDSSLSRTYAISSSVISFYIPVAIMIVT
YTRIYRIAQKQIRRIAALERAAVHAKNCQTTTGNGKPVECSQPESSFKMSFKRETKVLKTLSVIMGVFVCCWLPFFILNC
ILPFCGSGETQPFCIDSNTFDVFVWFGWANSSLNPIIYAFNADFRKAFSTLLGCYRLCPATNNAIETVSINNNGAAMFSS
HHEPRGSISKECNLVYLIPHAVGSSEDLKKEEAAGIARPLEKLSPALSVILDYDTDVSLEKIQPITQNGQHPT
;
F
2 'polypeptide(L)'
;NSKTEDQRNEEKAQREANKKIEKQLQKDKQVYRATHRLLLLGADNSGKSTIVKQMRILHGGSGGSGGTSGIFETKFQVDK
VNFHMFDVGGQRDERRKWIQCFNDVTAIIFVVDSSDYNRLQEALNLFKSIWNNRWLRTISVILFLNKQDLLAEKVLAGKS
KIEDYFPEFARYTTPEDATPEPGEDPRVTRAKYFIRDEFLRISTASGDGRHYCYPHFTCAVDTENARRIFNDCRDIIQRM
HLRQYELL
;
A
3 'polypeptide(L)'
;MHHHHHHLEVLFQGPGSSGSELDQLRQEAEQLKNQIRDARKACADATLSQITNNIDPVGRIQMRTRRTLRGHLAKIYAMH
WGTDSRLLVSASQDGKLIIWDSYTTNKVHAIPLRSSWVMTCAYAPSGNYVACGGLDNICSIYNLKTREGNVRVSRELAGH
TGYLSCCRFLDDNQIVTSSGDTTCALWDIETGQQTTTFTGHTGDVMSLSLAPDTRLFVSGACDASAKLWDVREGMCRQTF
TGHESDINAICFFPNGNAFATGSDDATCRLFDLRADQELMTYSHDNIICGITSVSFSKSGRLLLAGYDDFNCNVWDALKA
DRAGVLAGHDNRVSCLGVTDDGMAVATGSWDSFLKIWN
;
B
4 'polypeptide(L)' MASNNTASIAQARKLVEQLKMEANIDRIKVSKAAADLMAYCEAHAKEDPLLTPVPASENPFREKKFFSAIL D
5 'polypeptide(L)'
;MKYLLPTAAAGLLLLAAQPAMAQVQLQESGGGLVQPGGSLRLSCAASGFTFSNYKMNWVRQAPGKGLEWVSDISQSGASI
SYTGSVKGRFTISRDNAKNTLYLQMNSLKPEDTAVYYCARCPAPFTRDCFDVTSTTYAYRGQGTQVTVSSHHHHHHEPEA
;
E
#
# COMPACT_ATOMS: atom_id res chain seq x y z
N PHE A 47 5.17 42.06 -43.73
CA PHE A 47 6.58 41.68 -43.88
C PHE A 47 6.84 40.31 -43.26
N SER A 48 7.95 39.70 -43.65
CA SER A 48 8.29 38.38 -43.12
C SER A 48 8.57 38.43 -41.62
N VAL A 49 9.26 39.47 -41.16
CA VAL A 49 9.60 39.54 -39.74
C VAL A 49 8.35 39.75 -38.88
N ARG A 50 7.40 40.57 -39.36
CA ARG A 50 6.20 40.83 -38.59
C ARG A 50 5.38 39.56 -38.39
N ILE A 51 5.17 38.80 -39.46
CA ILE A 51 4.39 37.57 -39.37
C ILE A 51 5.11 36.55 -38.48
N LEU A 52 6.44 36.47 -38.61
CA LEU A 52 7.19 35.51 -37.80
C LEU A 52 7.10 35.86 -36.31
N THR A 53 7.23 37.14 -35.97
CA THR A 53 7.08 37.56 -34.58
C THR A 53 5.67 37.31 -34.09
N ALA A 54 4.66 37.55 -34.93
CA ALA A 54 3.28 37.27 -34.54
C ALA A 54 3.09 35.80 -34.24
N CYS A 55 3.63 34.93 -35.09
CA CYS A 55 3.51 33.48 -34.85
C CYS A 55 4.24 33.08 -33.58
N PHE A 56 5.44 33.62 -33.35
CA PHE A 56 6.18 33.27 -32.14
C PHE A 56 5.40 33.68 -30.90
N LEU A 57 4.85 34.90 -30.90
CA LEU A 57 4.08 35.35 -29.75
C LEU A 57 2.80 34.54 -29.56
N SER A 58 2.14 34.18 -30.67
CA SER A 58 0.94 33.37 -30.57
C SER A 58 1.24 32.02 -29.95
N LEU A 59 2.31 31.35 -30.40
CA LEU A 59 2.70 30.08 -29.79
C LEU A 59 3.06 30.25 -28.33
N LEU A 60 3.77 31.32 -27.98
CA LEU A 60 4.13 31.54 -26.59
C LEU A 60 2.90 31.69 -25.71
N ILE A 61 1.95 32.53 -26.11
CA ILE A 61 0.79 32.78 -25.29
C ILE A 61 -0.11 31.53 -25.23
N LEU A 62 -0.26 30.83 -26.35
CA LEU A 62 -1.07 29.62 -26.35
C LEU A 62 -0.45 28.54 -25.47
N SER A 63 0.87 28.40 -25.51
CA SER A 63 1.53 27.42 -24.64
C SER A 63 1.35 27.79 -23.18
N THR A 64 1.48 29.07 -22.83
CA THR A 64 1.31 29.48 -21.44
C THR A 64 -0.10 29.19 -20.96
N LEU A 65 -1.11 29.58 -21.75
CA LEU A 65 -2.49 29.28 -21.39
C LEU A 65 -2.71 27.79 -21.24
N LEU A 66 -2.25 26.99 -22.21
CA LEU A 66 -2.47 25.55 -22.17
C LEU A 66 -1.86 24.95 -20.90
N GLY A 67 -0.59 25.25 -20.64
CA GLY A 67 0.07 24.65 -19.49
C GLY A 67 -0.55 25.05 -18.17
N ASN A 68 -0.80 26.35 -18.00
CA ASN A 68 -1.30 26.79 -16.69
C ASN A 68 -2.76 26.42 -16.48
N THR A 69 -3.58 26.44 -17.53
CA THR A 69 -4.94 25.96 -17.40
C THR A 69 -4.98 24.46 -17.12
N LEU A 70 -4.07 23.69 -17.72
CA LEU A 70 -4.00 22.27 -17.40
C LEU A 70 -3.61 22.06 -15.95
N VAL A 71 -2.65 22.83 -15.45
CA VAL A 71 -2.25 22.70 -14.04
C VAL A 71 -3.41 23.05 -13.13
N CYS A 72 -4.14 24.13 -13.43
CA CYS A 72 -5.26 24.53 -12.61
C CYS A 72 -6.38 23.49 -12.65
N ALA A 73 -6.64 22.93 -13.82
CA ALA A 73 -7.71 21.94 -13.97
C ALA A 73 -7.35 20.64 -13.27
N ALA A 74 -6.07 20.29 -13.23
CA ALA A 74 -5.66 19.09 -12.50
C ALA A 74 -6.04 19.18 -11.03
N VAL A 75 -6.07 20.39 -10.49
CA VAL A 75 -6.48 20.56 -9.10
C VAL A 75 -8.00 20.73 -8.99
N ILE A 76 -8.62 21.46 -9.91
CA ILE A 76 -10.06 21.66 -9.84
C ILE A 76 -10.80 20.33 -9.94
N ARG A 77 -10.39 19.48 -10.88
CA ARG A 77 -11.02 18.19 -11.07
C ARG A 77 -10.64 17.17 -10.00
N PHE A 78 -9.38 17.13 -9.58
CA PHE A 78 -8.89 16.13 -8.64
C PHE A 78 -8.63 16.80 -7.29
N ARG A 79 -9.30 16.30 -6.25
CA ARG A 79 -9.19 16.88 -4.93
C ARG A 79 -8.07 16.29 -4.09
N HIS A 80 -7.41 15.24 -4.57
CA HIS A 80 -6.31 14.66 -3.80
C HIS A 80 -5.04 15.50 -3.94
N LEU A 81 -4.85 16.16 -5.08
CA LEU A 81 -3.66 16.99 -5.27
C LEU A 81 -3.63 18.16 -4.31
N ARG A 82 -4.78 18.82 -4.13
CA ARG A 82 -4.83 20.01 -3.27
C ARG A 82 -4.68 19.69 -1.80
N SER A 83 -4.69 18.40 -1.42
CA SER A 83 -4.60 18.03 -0.03
C SER A 83 -3.27 18.46 0.59
N LYS A 84 -2.16 18.26 -0.14
CA LYS A 84 -0.84 18.54 0.41
C LYS A 84 -0.57 20.04 0.47
N VAL A 85 0.33 20.42 1.37
CA VAL A 85 0.60 21.84 1.62
C VAL A 85 1.35 22.46 0.45
N THR A 86 2.36 21.76 -0.08
CA THR A 86 3.18 22.33 -1.15
C THR A 86 2.36 22.61 -2.40
N ASN A 87 1.29 21.84 -2.63
CA ASN A 87 0.44 22.10 -3.78
C ASN A 87 -0.27 23.44 -3.65
N PHE A 88 -0.43 23.96 -2.43
CA PHE A 88 -0.96 25.31 -2.29
C PHE A 88 -0.06 26.32 -2.98
N PHE A 89 1.25 26.25 -2.70
CA PHE A 89 2.20 27.15 -3.35
C PHE A 89 2.26 26.89 -4.85
N VAL A 90 2.20 25.63 -5.25
CA VAL A 90 2.25 25.32 -6.68
C VAL A 90 1.05 25.93 -7.40
N ILE A 91 -0.14 25.82 -6.80
CA ILE A 91 -1.34 26.40 -7.39
C ILE A 91 -1.26 27.92 -7.41
N SER A 92 -0.72 28.53 -6.35
CA SER A 92 -0.57 29.98 -6.34
C SER A 92 0.34 30.43 -7.47
N LEU A 93 1.46 29.73 -7.68
CA LEU A 93 2.36 30.05 -8.78
C LEU A 93 1.66 29.86 -10.13
N ALA A 94 0.89 28.78 -10.27
CA ALA A 94 0.20 28.52 -11.54
C ALA A 94 -0.83 29.60 -11.83
N VAL A 95 -1.56 30.04 -10.81
CA VAL A 95 -2.54 31.12 -10.99
C VAL A 95 -1.83 32.41 -11.34
N SER A 96 -0.71 32.70 -10.69
CA SER A 96 0.05 33.90 -11.03
C SER A 96 0.52 33.86 -12.48
N ASP A 97 1.01 32.71 -12.94
CA ASP A 97 1.46 32.61 -14.32
C ASP A 97 0.31 32.72 -15.30
N LEU A 98 -0.85 32.14 -14.97
CA LEU A 98 -2.01 32.24 -15.84
C LEU A 98 -2.48 33.69 -15.95
N LEU A 99 -2.50 34.41 -14.84
CA LEU A 99 -2.84 35.84 -14.88
C LEU A 99 -1.81 36.61 -15.70
N VAL A 100 -0.52 36.33 -15.49
CA VAL A 100 0.54 36.93 -16.29
C VAL A 100 0.20 36.80 -17.77
N ALA A 101 -0.04 35.56 -18.20
CA ALA A 101 -0.35 35.29 -19.60
C ALA A 101 -1.56 36.11 -20.05
N VAL A 102 -2.73 35.79 -19.49
CA VAL A 102 -3.99 36.30 -20.05
C VAL A 102 -4.05 37.82 -19.97
N LEU A 103 -3.52 38.44 -18.92
CA LEU A 103 -3.59 39.89 -18.82
C LEU A 103 -2.48 40.55 -19.63
N VAL A 104 -1.22 40.23 -19.33
CA VAL A 104 -0.11 41.01 -19.87
C VAL A 104 0.11 40.70 -21.35
N MET A 105 0.23 39.40 -21.70
CA MET A 105 0.74 39.08 -23.04
C MET A 105 -0.11 39.64 -24.17
N PRO A 106 -1.43 39.44 -24.23
CA PRO A 106 -2.16 39.83 -25.45
C PRO A 106 -2.04 41.31 -25.79
N TRP A 107 -2.05 42.19 -24.80
CA TRP A 107 -2.07 43.62 -25.08
C TRP A 107 -0.72 44.10 -25.60
N LYS A 108 0.38 43.66 -24.96
CA LYS A 108 1.69 44.02 -25.48
C LYS A 108 1.94 43.37 -26.83
N ALA A 109 1.40 42.17 -27.05
CA ALA A 109 1.52 41.53 -28.36
C ALA A 109 0.82 42.36 -29.44
N VAL A 110 -0.39 42.83 -29.14
CA VAL A 110 -1.10 43.67 -30.09
C VAL A 110 -0.34 44.96 -30.34
N ALA A 111 0.22 45.56 -29.29
CA ALA A 111 1.00 46.77 -29.45
C ALA A 111 2.22 46.53 -30.34
N GLU A 112 2.91 45.41 -30.14
CA GLU A 112 4.08 45.11 -30.96
C GLU A 112 3.70 44.89 -32.43
N ILE A 113 2.61 44.15 -32.67
CA ILE A 113 2.21 43.87 -34.04
C ILE A 113 1.76 45.14 -34.75
N ALA A 114 0.93 45.95 -34.08
CA ALA A 114 0.48 47.20 -34.69
C ALA A 114 1.56 48.26 -34.71
N GLY A 115 2.56 48.13 -33.85
CA GLY A 115 3.63 49.11 -33.75
C GLY A 115 3.34 50.26 -32.82
N PHE A 116 2.09 50.44 -32.42
CA PHE A 116 1.69 51.50 -31.52
C PHE A 116 0.67 50.95 -30.54
N TRP A 117 0.56 51.60 -29.39
CA TRP A 117 -0.41 51.18 -28.39
C TRP A 117 -1.81 51.61 -28.81
N PRO A 118 -2.73 50.68 -29.03
CA PRO A 118 -4.08 51.04 -29.48
C PRO A 118 -5.12 51.18 -28.37
N PHE A 119 -4.76 50.92 -27.11
CA PHE A 119 -5.73 50.89 -26.02
C PHE A 119 -5.78 52.20 -25.23
N GLY A 120 -5.04 53.21 -25.65
CA GLY A 120 -5.16 54.53 -25.03
C GLY A 120 -4.71 54.52 -23.58
N SER A 121 -5.62 54.95 -22.69
CA SER A 121 -5.31 55.12 -21.29
C SER A 121 -5.34 53.81 -20.50
N PHE A 122 -5.70 52.70 -21.16
CA PHE A 122 -5.67 51.41 -20.49
C PHE A 122 -4.26 51.03 -20.07
N CYS A 123 -3.24 51.48 -20.82
CA CYS A 123 -1.89 51.00 -20.63
C CYS A 123 -1.41 51.19 -19.20
N ASN A 124 -1.71 52.33 -18.59
CA ASN A 124 -1.32 52.55 -17.20
C ASN A 124 -1.80 51.41 -16.30
N ILE A 125 -3.09 51.10 -16.38
CA ILE A 125 -3.61 49.97 -15.62
C ILE A 125 -2.89 48.70 -16.01
N TRP A 126 -2.65 48.51 -17.31
CA TRP A 126 -1.94 47.32 -17.77
C TRP A 126 -0.56 47.25 -17.17
N VAL A 127 0.10 48.39 -16.98
CA VAL A 127 1.41 48.37 -16.33
C VAL A 127 1.28 47.82 -14.92
N ALA A 128 0.26 48.28 -14.19
CA ALA A 128 0.00 47.74 -12.86
C ALA A 128 -0.40 46.28 -12.91
N PHE A 129 -0.92 45.81 -14.05
CA PHE A 129 -1.25 44.40 -14.22
C PHE A 129 -0.05 43.57 -14.63
N ASP A 130 1.09 44.20 -14.91
CA ASP A 130 2.30 43.47 -15.25
C ASP A 130 3.17 43.26 -14.02
N ILE A 131 3.62 44.35 -13.39
CA ILE A 131 4.54 44.23 -12.27
C ILE A 131 3.91 43.44 -11.13
N MET A 132 2.59 43.54 -10.98
CA MET A 132 1.91 42.77 -9.95
C MET A 132 1.86 41.29 -10.31
N CYS A 133 1.60 40.97 -11.59
CA CYS A 133 1.49 39.57 -11.97
C CYS A 133 2.86 38.92 -12.08
N SER A 134 3.86 39.67 -12.56
CA SER A 134 5.21 39.12 -12.69
C SER A 134 5.85 38.89 -11.33
N THR A 135 5.75 39.86 -10.42
CA THR A 135 6.31 39.69 -9.09
C THR A 135 5.66 38.55 -8.33
N ALA A 136 4.38 38.29 -8.56
CA ALA A 136 3.75 37.13 -7.95
C ALA A 136 4.33 35.84 -8.50
N SER A 137 4.79 35.85 -9.76
CA SER A 137 5.43 34.66 -10.31
C SER A 137 6.80 34.43 -9.70
N ILE A 138 7.60 35.48 -9.56
CA ILE A 138 8.94 35.32 -9.00
C ILE A 138 8.87 35.01 -7.52
N LEU A 139 8.02 35.72 -6.78
CA LEU A 139 7.96 35.51 -5.33
C LEU A 139 7.50 34.10 -4.98
N ASN A 140 6.45 33.62 -5.67
CA ASN A 140 5.94 32.28 -5.36
C ASN A 140 7.04 31.23 -5.52
N LEU A 141 7.79 31.30 -6.61
CA LEU A 141 8.94 30.42 -6.77
C LEU A 141 9.82 30.46 -5.53
N CYS A 142 10.18 31.66 -5.09
CA CYS A 142 10.97 31.80 -3.87
C CYS A 142 10.34 31.02 -2.73
N VAL A 143 9.05 31.25 -2.48
CA VAL A 143 8.37 30.54 -1.41
C VAL A 143 8.49 29.03 -1.63
N ILE A 144 8.19 28.57 -2.84
CA ILE A 144 8.31 27.15 -3.11
C ILE A 144 9.70 26.66 -2.74
N SER A 145 10.73 27.37 -3.21
CA SER A 145 12.08 26.97 -2.89
C SER A 145 12.28 26.87 -1.40
N VAL A 146 11.94 27.93 -0.65
CA VAL A 146 12.20 27.88 0.78
C VAL A 146 11.35 26.79 1.41
N ASP A 147 10.12 26.61 0.89
CA ASP A 147 9.31 25.50 1.37
C ASP A 147 10.06 24.18 1.23
N ARG A 148 10.56 23.90 0.03
CA ARG A 148 11.30 22.66 -0.17
C ARG A 148 12.44 22.56 0.81
N TYR A 149 13.15 23.67 1.05
CA TYR A 149 14.26 23.64 1.98
C TYR A 149 13.84 23.05 3.31
N TRP A 150 12.75 23.55 3.89
CA TRP A 150 12.32 23.04 5.18
CA TRP A 150 12.31 23.04 5.17
C TRP A 150 11.95 21.56 5.08
N ALA A 151 11.24 21.18 4.01
CA ALA A 151 10.87 19.78 3.84
C ALA A 151 12.11 18.91 3.72
N ILE A 152 13.25 19.49 3.33
CA ILE A 152 14.49 18.72 3.26
C ILE A 152 15.30 18.90 4.53
N SER A 153 15.17 20.04 5.21
CA SER A 153 16.10 20.36 6.26
C SER A 153 15.56 20.13 7.66
N SER A 154 14.30 20.46 7.90
CA SER A 154 13.71 20.25 9.22
C SER A 154 12.40 19.50 9.06
N PRO A 155 12.46 18.20 8.75
CA PRO A 155 11.25 17.48 8.33
C PRO A 155 10.17 17.36 9.41
N PHE A 156 10.58 16.98 10.62
CA PHE A 156 9.60 16.83 11.70
C PHE A 156 8.95 18.17 12.04
N ARG A 157 9.75 19.22 12.16
CA ARG A 157 9.18 20.54 12.42
C ARG A 157 8.37 21.03 11.24
N TYR A 158 8.74 20.62 10.03
CA TYR A 158 7.91 20.94 8.86
C TYR A 158 6.53 20.30 8.98
N GLU A 159 6.48 19.04 9.41
CA GLU A 159 5.19 18.37 9.55
C GLU A 159 4.36 18.98 10.66
N ARG A 160 4.98 19.28 11.80
CA ARG A 160 4.20 19.78 12.94
C ARG A 160 3.78 21.23 12.75
N LYS A 161 4.65 22.06 12.17
CA LYS A 161 4.46 23.51 12.17
C LYS A 161 3.74 24.04 10.95
N MET A 162 3.90 23.44 9.78
CA MET A 162 3.21 23.93 8.58
C MET A 162 1.81 23.32 8.49
N THR A 163 0.90 23.91 9.25
CA THR A 163 -0.52 23.73 9.02
C THR A 163 -0.93 24.52 7.77
N PRO A 164 -2.08 24.19 7.17
CA PRO A 164 -2.52 24.97 6.01
C PRO A 164 -2.67 26.45 6.29
N LYS A 165 -2.85 26.84 7.56
CA LYS A 165 -2.89 28.26 7.90
C LYS A 165 -1.56 28.95 7.58
N ALA A 166 -0.44 28.28 7.86
CA ALA A 166 0.86 28.86 7.56
C ALA A 166 1.06 29.01 6.05
N ALA A 167 0.63 28.02 5.28
CA ALA A 167 0.72 28.13 3.82
C ALA A 167 -0.14 29.28 3.31
N PHE A 168 -1.33 29.44 3.87
CA PHE A 168 -2.19 30.56 3.48
C PHE A 168 -1.53 31.89 3.83
N ILE A 169 -0.89 31.97 4.99
CA ILE A 169 -0.19 33.20 5.37
C ILE A 169 0.92 33.51 4.39
N LEU A 170 1.69 32.49 4.00
CA LEU A 170 2.79 32.72 3.06
C LEU A 170 2.28 33.18 1.70
N ILE A 171 1.22 32.53 1.19
CA ILE A 171 0.66 32.93 -0.10
C ILE A 171 0.10 34.34 -0.02
N SER A 172 -0.58 34.66 1.08
CA SER A 172 -1.13 36.00 1.25
C SER A 172 -0.04 37.05 1.32
N VAL A 173 1.08 36.74 1.98
CA VAL A 173 2.19 37.69 2.03
C VAL A 173 2.78 37.90 0.64
N ALA A 174 2.94 36.81 -0.12
CA ALA A 174 3.46 36.94 -1.48
C ALA A 174 2.58 37.83 -2.33
N TRP A 175 1.26 37.56 -2.34
CA TRP A 175 0.37 38.34 -3.18
C TRP A 175 0.20 39.76 -2.67
N THR A 176 0.25 39.96 -1.35
CA THR A 176 0.17 41.31 -0.80
C THR A 176 1.38 42.13 -1.20
N LEU A 177 2.59 41.55 -1.14
CA LEU A 177 3.75 42.25 -1.66
C LEU A 177 3.61 42.55 -3.14
N SER A 178 3.12 41.58 -3.92
CA SER A 178 2.95 41.80 -5.35
C SER A 178 2.03 42.98 -5.64
N VAL A 179 0.91 43.06 -4.91
CA VAL A 179 -0.03 44.15 -5.13
C VAL A 179 0.52 45.48 -4.61
N LEU A 180 1.14 45.49 -3.43
CA LEU A 180 1.57 46.72 -2.79
C LEU A 180 2.85 47.30 -3.36
N ILE A 181 3.61 46.53 -4.14
CA ILE A 181 4.75 47.07 -4.85
C ILE A 181 4.37 47.55 -6.25
N SER A 182 3.17 47.23 -6.73
CA SER A 182 2.80 47.51 -8.11
C SER A 182 1.67 48.52 -8.22
N PHE A 183 0.51 48.26 -7.61
CA PHE A 183 -0.64 49.12 -7.85
C PHE A 183 -0.51 50.45 -7.11
N ILE A 184 0.05 50.43 -5.90
CA ILE A 184 0.23 51.68 -5.16
C ILE A 184 1.16 52.66 -5.87
N PRO A 185 2.34 52.27 -6.34
CA PRO A 185 3.20 53.26 -7.01
C PRO A 185 2.72 53.63 -8.41
N VAL A 186 2.08 52.71 -9.13
CA VAL A 186 1.66 53.01 -10.49
C VAL A 186 0.58 54.08 -10.51
N GLN A 187 -0.46 53.94 -9.69
CA GLN A 187 -1.53 54.92 -9.68
C GLN A 187 -1.08 56.27 -9.12
N LEU A 188 -0.04 56.29 -8.28
CA LEU A 188 0.50 57.51 -7.73
C LEU A 188 1.65 58.08 -8.57
N SER A 189 1.96 57.46 -9.70
CA SER A 189 2.94 57.97 -10.66
C SER A 189 4.33 58.07 -10.06
N TRP A 190 4.82 56.98 -9.47
CA TRP A 190 6.21 56.88 -9.04
C TRP A 190 7.09 56.11 -10.01
N HIS A 191 6.50 55.38 -10.95
CA HIS A 191 7.28 54.61 -11.92
C HIS A 191 7.59 55.38 -13.19
N LYS A 192 7.08 56.60 -13.34
CA LYS A 192 7.31 57.42 -14.52
C LYS A 192 8.33 58.49 -14.18
N ALA A 193 9.41 58.56 -14.97
CA ALA A 193 10.44 59.55 -14.74
C ALA A 193 10.18 60.82 -15.55
N ASN A 212 0.66 55.65 -27.25
CA ASN A 212 1.81 54.94 -26.70
C ASN A 212 2.20 55.49 -25.34
N CYS A 213 2.49 54.60 -24.40
CA CYS A 213 3.07 54.97 -23.11
C CYS A 213 4.29 54.07 -22.86
N ASP A 214 5.44 54.51 -23.34
CA ASP A 214 6.72 53.88 -23.06
C ASP A 214 7.53 54.83 -22.19
N SER A 215 7.31 54.77 -20.89
CA SER A 215 7.92 55.68 -19.93
C SER A 215 9.06 54.98 -19.22
N SER A 216 10.25 55.59 -19.27
CA SER A 216 11.38 55.04 -18.55
C SER A 216 11.11 55.04 -17.06
N LEU A 217 11.40 53.93 -16.41
CA LEU A 217 11.19 53.82 -14.97
C LEU A 217 12.12 54.76 -14.23
N SER A 218 11.60 55.41 -13.19
CA SER A 218 12.40 56.34 -12.41
C SER A 218 13.55 55.60 -11.73
N ARG A 219 14.63 56.34 -11.46
CA ARG A 219 15.83 55.72 -10.91
C ARG A 219 15.55 55.06 -9.57
N THR A 220 14.80 55.73 -8.70
CA THR A 220 14.52 55.17 -7.38
C THR A 220 13.59 53.96 -7.48
N TYR A 221 12.48 54.09 -8.21
CA TYR A 221 11.52 52.99 -8.28
C TYR A 221 12.12 51.77 -8.96
N ALA A 222 12.86 51.97 -10.05
CA ALA A 222 13.45 50.83 -10.75
C ALA A 222 14.37 50.05 -9.84
N ILE A 223 15.28 50.74 -9.15
CA ILE A 223 16.22 50.06 -8.27
C ILE A 223 15.49 49.38 -7.12
N SER A 224 14.54 50.08 -6.50
CA SER A 224 13.86 49.50 -5.34
C SER A 224 13.05 48.26 -5.73
N SER A 225 12.24 48.36 -6.79
CA SER A 225 11.42 47.23 -7.21
C SER A 225 12.30 46.09 -7.69
N SER A 226 13.38 46.37 -8.41
CA SER A 226 14.29 45.31 -8.82
C SER A 226 14.89 44.62 -7.61
N VAL A 227 15.46 45.40 -6.68
CA VAL A 227 16.05 44.83 -5.48
C VAL A 227 15.06 43.88 -4.81
N ILE A 228 13.89 44.38 -4.43
CA ILE A 228 12.92 43.51 -3.78
C ILE A 228 12.62 42.29 -4.67
N SER A 229 11.96 42.53 -5.80
CA SER A 229 11.23 41.49 -6.50
C SER A 229 12.16 40.48 -7.16
N PHE A 230 13.44 40.82 -7.30
CA PHE A 230 14.38 39.82 -7.81
C PHE A 230 15.41 39.44 -6.77
N TYR A 231 16.15 40.42 -6.26
CA TYR A 231 17.32 40.08 -5.45
C TYR A 231 16.93 39.51 -4.10
N ILE A 232 15.69 39.66 -3.65
CA ILE A 232 15.34 38.91 -2.44
C ILE A 232 14.98 37.49 -2.85
N PRO A 233 14.10 37.27 -3.84
CA PRO A 233 13.88 35.89 -4.29
C PRO A 233 15.12 35.17 -4.76
N VAL A 234 16.00 35.81 -5.54
CA VAL A 234 17.13 35.07 -6.09
C VAL A 234 18.14 34.74 -5.01
N ALA A 235 18.38 35.67 -4.08
CA ALA A 235 19.30 35.38 -2.98
C ALA A 235 18.76 34.28 -2.10
N ILE A 236 17.47 34.35 -1.77
CA ILE A 236 16.87 33.30 -0.94
C ILE A 236 16.93 31.96 -1.65
N MET A 237 16.64 31.94 -2.96
CA MET A 237 16.66 30.69 -3.70
C MET A 237 18.06 30.12 -3.80
N ILE A 238 19.07 30.97 -4.01
CA ILE A 238 20.45 30.48 -4.08
C ILE A 238 20.89 29.90 -2.75
N VAL A 239 20.59 30.59 -1.64
CA VAL A 239 20.96 30.06 -0.33
C VAL A 239 20.24 28.74 -0.06
N THR A 240 18.94 28.71 -0.36
CA THR A 240 18.15 27.49 -0.16
C THR A 240 18.72 26.33 -0.94
N TYR A 241 18.99 26.52 -2.23
CA TYR A 241 19.47 25.42 -3.05
C TYR A 241 20.91 25.03 -2.74
N THR A 242 21.74 25.96 -2.28
CA THR A 242 23.06 25.56 -1.80
C THR A 242 22.96 24.67 -0.56
N ARG A 243 22.11 25.05 0.40
CA ARG A 243 21.93 24.21 1.57
C ARG A 243 21.36 22.84 1.20
N ILE A 244 20.38 22.83 0.30
CA ILE A 244 19.78 21.58 -0.13
C ILE A 244 20.81 20.71 -0.85
N TYR A 245 21.68 21.33 -1.64
CA TYR A 245 22.73 20.58 -2.32
C TYR A 245 23.69 19.96 -1.32
N ARG A 246 24.07 20.72 -0.28
CA ARG A 246 24.95 20.15 0.74
C ARG A 246 24.30 18.96 1.42
N ILE A 247 23.02 19.09 1.79
CA ILE A 247 22.33 17.99 2.46
C ILE A 247 22.22 16.77 1.55
N ALA A 248 21.85 17.00 0.29
CA ALA A 248 21.70 15.89 -0.66
C ALA A 248 23.04 15.21 -0.90
N GLN A 249 24.12 15.99 -0.97
CA GLN A 249 25.44 15.39 -1.19
C GLN A 249 25.87 14.57 0.01
N LYS A 250 25.56 15.03 1.22
CA LYS A 250 25.86 14.23 2.41
C LYS A 250 25.09 12.90 2.38
N GLN A 251 23.80 12.97 2.05
CA GLN A 251 23.00 11.75 1.97
C GLN A 251 23.52 10.81 0.90
N ILE A 252 23.94 11.36 -0.25
CA ILE A 252 24.47 10.53 -1.32
C ILE A 252 25.80 9.91 -0.89
N ARG A 253 26.60 10.63 -0.10
CA ARG A 253 27.81 10.03 0.43
C ARG A 253 27.50 8.83 1.30
N ARG A 254 26.50 8.96 2.18
CA ARG A 254 26.13 7.83 3.04
C ARG A 254 25.65 6.64 2.21
N ILE A 255 24.76 6.91 1.24
CA ILE A 255 24.24 5.85 0.39
C ILE A 255 25.36 5.18 -0.39
N ALA A 256 26.29 5.98 -0.91
CA ALA A 256 27.39 5.42 -1.70
C ALA A 256 28.33 4.60 -0.83
N ALA A 257 28.55 5.02 0.41
CA ALA A 257 29.37 4.22 1.32
C ALA A 257 28.73 2.86 1.56
N LEU A 258 27.43 2.84 1.85
CA LEU A 258 26.76 1.56 2.08
C LEU A 258 26.76 0.70 0.81
N GLU A 259 26.51 1.32 -0.35
CA GLU A 259 26.48 0.57 -1.59
C GLU A 259 27.84 0.00 -1.95
N ARG A 260 28.91 0.78 -1.72
CA ARG A 260 30.25 0.29 -1.98
C ARG A 260 30.61 -0.86 -1.04
N ALA A 261 30.20 -0.77 0.22
CA ALA A 261 30.41 -1.89 1.13
C ALA A 261 29.69 -3.15 0.64
N ALA A 262 28.44 -2.99 0.21
CA ALA A 262 27.68 -4.14 -0.30
C ALA A 262 28.33 -4.72 -1.55
N VAL A 263 28.80 -3.86 -2.45
CA VAL A 263 29.42 -4.33 -3.69
C VAL A 263 30.73 -5.05 -3.39
N HIS A 264 31.53 -4.51 -2.47
CA HIS A 264 32.76 -5.19 -2.09
C HIS A 264 32.48 -6.54 -1.44
N ALA A 265 31.43 -6.61 -0.61
CA ALA A 265 31.05 -7.90 -0.03
C ALA A 265 30.63 -8.88 -1.10
N LYS A 266 29.86 -8.43 -2.10
CA LYS A 266 29.43 -9.31 -3.18
C LYS A 266 30.63 -9.79 -4.00
N ASN A 267 31.57 -8.90 -4.27
CA ASN A 267 32.77 -9.29 -5.02
C ASN A 267 33.58 -10.32 -4.27
N CYS A 268 33.70 -10.14 -2.96
CA CYS A 268 34.41 -11.09 -2.12
C CYS A 268 33.48 -12.23 -1.71
N PHE A 291 28.37 8.98 -7.55
CA PHE A 291 28.78 9.85 -8.65
C PHE A 291 27.60 10.16 -9.56
N LYS A 292 26.95 9.11 -10.06
CA LYS A 292 25.80 9.29 -10.94
C LYS A 292 24.66 10.00 -10.21
N ARG A 293 24.42 9.64 -8.94
CA ARG A 293 23.39 10.32 -8.17
C ARG A 293 23.77 11.78 -7.91
N GLU A 294 25.05 12.04 -7.65
CA GLU A 294 25.50 13.43 -7.52
C GLU A 294 25.30 14.18 -8.83
N THR A 295 25.54 13.53 -9.96
CA THR A 295 25.29 14.15 -11.25
C THR A 295 23.82 14.46 -11.44
N LYS A 296 22.93 13.55 -11.00
CA LYS A 296 21.50 13.80 -11.10
C LYS A 296 21.08 14.99 -10.25
N VAL A 297 21.59 15.07 -9.01
CA VAL A 297 21.28 16.20 -8.15
C VAL A 297 21.77 17.50 -8.77
N LEU A 298 22.99 17.49 -9.29
CA LEU A 298 23.55 18.68 -9.91
C LEU A 298 22.73 19.10 -11.13
N LYS A 299 22.33 18.13 -11.96
CA LYS A 299 21.53 18.45 -13.13
C LYS A 299 20.20 19.06 -12.75
N THR A 300 19.51 18.47 -11.76
CA THR A 300 18.21 18.98 -11.36
C THR A 300 18.32 20.39 -10.80
N LEU A 301 19.24 20.60 -9.86
CA LEU A 301 19.41 21.93 -9.28
C LEU A 301 19.85 22.94 -10.33
N SER A 302 20.75 22.53 -11.23
CA SER A 302 21.23 23.44 -12.27
C SER A 302 20.11 23.85 -13.20
N VAL A 303 19.26 22.91 -13.62
CA VAL A 303 18.18 23.28 -14.53
C VAL A 303 17.17 24.17 -13.81
N ILE A 304 16.83 23.83 -12.56
CA ILE A 304 15.82 24.60 -11.82
C ILE A 304 16.29 26.02 -11.61
N MET A 305 17.55 26.20 -11.20
CA MET A 305 18.06 27.55 -11.00
C MET A 305 18.34 28.26 -12.32
N GLY A 306 18.85 27.54 -13.31
CA GLY A 306 19.31 28.17 -14.54
C GLY A 306 18.21 28.64 -15.45
N VAL A 307 17.09 27.91 -15.52
CA VAL A 307 15.96 28.41 -16.31
C VAL A 307 15.51 29.75 -15.76
N PHE A 308 15.31 29.82 -14.45
CA PHE A 308 14.86 31.06 -13.82
C PHE A 308 15.88 32.18 -13.99
N VAL A 309 17.17 31.88 -13.79
CA VAL A 309 18.18 32.92 -13.89
C VAL A 309 18.30 33.42 -15.33
N CYS A 310 18.41 32.51 -16.30
CA CYS A 310 18.53 32.93 -17.68
C CYS A 310 17.28 33.66 -18.16
N CYS A 311 16.12 33.37 -17.57
CA CYS A 311 14.90 34.07 -17.95
C CYS A 311 14.81 35.46 -17.35
N TRP A 312 15.30 35.64 -16.12
CA TRP A 312 15.01 36.88 -15.40
C TRP A 312 16.23 37.78 -15.28
N LEU A 313 17.38 37.24 -14.91
CA LEU A 313 18.53 38.07 -14.53
C LEU A 313 18.95 39.10 -15.58
N PRO A 314 19.07 38.77 -16.87
CA PRO A 314 19.41 39.83 -17.84
C PRO A 314 18.41 40.98 -17.81
N PHE A 315 17.13 40.65 -17.70
CA PHE A 315 16.11 41.70 -17.65
C PHE A 315 16.32 42.62 -16.45
N PHE A 316 16.61 42.05 -15.28
CA PHE A 316 16.72 42.90 -14.10
C PHE A 316 18.02 43.69 -14.07
N ILE A 317 19.12 43.13 -14.57
CA ILE A 317 20.33 43.95 -14.65
C ILE A 317 20.13 45.10 -15.62
N LEU A 318 19.45 44.86 -16.75
CA LEU A 318 19.19 45.96 -17.67
C LEU A 318 18.20 46.97 -17.08
N ASN A 319 17.18 46.48 -16.37
CA ASN A 319 16.22 47.37 -15.73
C ASN A 319 16.85 48.20 -14.64
N CYS A 320 17.94 47.72 -14.05
CA CYS A 320 18.71 48.53 -13.11
C CYS A 320 19.60 49.54 -13.81
N ILE A 321 20.29 49.13 -14.88
CA ILE A 321 21.27 50.01 -15.51
C ILE A 321 20.60 51.13 -16.30
N LEU A 322 19.60 50.80 -17.12
CA LEU A 322 19.09 51.77 -18.11
C LEU A 322 18.52 53.02 -17.47
N PRO A 323 17.66 52.97 -16.45
CA PRO A 323 17.25 54.22 -15.80
C PRO A 323 18.40 55.02 -15.24
N PHE A 324 19.43 54.34 -14.70
CA PHE A 324 20.55 55.05 -14.11
C PHE A 324 21.31 55.87 -15.15
N CYS A 325 21.53 55.30 -16.33
CA CYS A 325 22.21 56.00 -17.41
C CYS A 325 21.75 55.39 -18.73
N GLY A 326 20.83 56.07 -19.41
CA GLY A 326 20.30 55.59 -20.67
C GLY A 326 21.19 55.92 -21.85
N PHE A 333 27.56 50.02 -24.61
CA PHE A 333 27.08 50.65 -23.38
C PHE A 333 25.59 50.40 -23.18
N CYS A 334 24.78 51.38 -23.60
CA CYS A 334 23.34 51.28 -23.48
C CYS A 334 22.77 50.42 -24.60
N ILE A 335 21.46 50.16 -24.51
CA ILE A 335 20.77 49.30 -25.46
C ILE A 335 19.55 50.02 -25.99
N ASP A 336 19.02 49.50 -27.10
CA ASP A 336 17.84 50.05 -27.74
C ASP A 336 16.57 49.50 -27.10
N SER A 337 15.42 49.86 -27.67
CA SER A 337 14.14 49.39 -27.11
C SER A 337 13.86 47.94 -27.48
N ASN A 338 14.29 47.50 -28.66
CA ASN A 338 14.00 46.13 -29.08
C ASN A 338 14.67 45.10 -28.17
N THR A 339 15.90 45.39 -27.74
CA THR A 339 16.59 44.49 -26.82
C THR A 339 15.85 44.38 -25.50
N PHE A 340 15.38 45.52 -24.98
CA PHE A 340 14.60 45.53 -23.76
C PHE A 340 13.33 44.71 -23.93
N ASP A 341 12.66 44.84 -25.08
CA ASP A 341 11.48 44.04 -25.35
C ASP A 341 11.81 42.56 -25.37
N VAL A 342 12.95 42.18 -25.97
CA VAL A 342 13.33 40.78 -26.00
C VAL A 342 13.52 40.24 -24.59
N PHE A 343 14.17 41.01 -23.73
CA PHE A 343 14.42 40.51 -22.38
C PHE A 343 13.15 40.47 -21.52
N VAL A 344 12.23 41.41 -21.72
CA VAL A 344 10.95 41.29 -21.01
C VAL A 344 10.15 40.11 -21.54
N TRP A 345 10.32 39.78 -22.83
CA TRP A 345 9.66 38.59 -23.36
C TRP A 345 10.24 37.32 -22.74
N PHE A 346 11.55 37.28 -22.52
CA PHE A 346 12.13 36.16 -21.78
C PHE A 346 11.58 36.10 -20.35
N GLY A 347 11.49 37.27 -19.70
CA GLY A 347 10.96 37.30 -18.35
C GLY A 347 9.55 36.73 -18.26
N TRP A 348 8.69 37.08 -19.21
CA TRP A 348 7.35 36.51 -19.20
C TRP A 348 7.29 35.09 -19.76
N ALA A 349 8.30 34.66 -20.54
CA ALA A 349 8.33 33.27 -20.99
C ALA A 349 8.73 32.33 -19.87
N ASN A 350 9.41 32.84 -18.85
CA ASN A 350 9.62 32.03 -17.65
C ASN A 350 8.30 31.51 -17.10
N SER A 351 7.24 32.31 -17.20
CA SER A 351 5.92 31.89 -16.72
C SER A 351 5.42 30.68 -17.50
N SER A 352 5.66 30.66 -18.81
CA SER A 352 5.30 29.49 -19.60
C SER A 352 6.14 28.28 -19.22
N LEU A 353 7.44 28.50 -18.96
CA LEU A 353 8.33 27.38 -18.65
C LEU A 353 8.05 26.78 -17.28
N ASN A 354 7.53 27.57 -16.35
CA ASN A 354 7.38 27.10 -14.97
C ASN A 354 6.50 25.85 -14.84
N PRO A 355 5.38 25.69 -15.55
CA PRO A 355 4.62 24.44 -15.40
C PRO A 355 5.43 23.18 -15.64
N ILE A 356 6.33 23.19 -16.61
CA ILE A 356 7.11 21.99 -16.91
C ILE A 356 8.00 21.62 -15.74
N ILE A 357 8.66 22.60 -15.14
CA ILE A 357 9.60 22.31 -14.06
C ILE A 357 8.86 22.03 -12.76
N TYR A 358 8.12 23.02 -12.27
CA TYR A 358 7.62 22.94 -10.90
C TYR A 358 6.35 22.11 -10.77
N ALA A 359 5.67 21.82 -11.88
CA ALA A 359 4.37 21.17 -11.81
C ALA A 359 4.33 19.80 -12.47
N PHE A 360 5.46 19.28 -12.95
CA PHE A 360 5.51 17.91 -13.47
C PHE A 360 6.04 16.95 -12.40
N ASN A 361 5.28 16.84 -11.32
CA ASN A 361 5.54 15.81 -10.33
C ASN A 361 4.93 14.49 -10.77
N ALA A 362 5.26 13.43 -10.04
CA ALA A 362 4.69 12.13 -10.35
C ALA A 362 3.16 12.14 -10.20
N ASP A 363 2.66 12.81 -9.17
CA ASP A 363 1.21 12.90 -8.98
C ASP A 363 0.56 13.69 -10.12
N PHE A 364 1.19 14.80 -10.53
CA PHE A 364 0.62 15.63 -11.58
C PHE A 364 0.68 14.96 -12.94
N ARG A 365 1.73 14.17 -13.20
CA ARG A 365 1.88 13.55 -14.52
C ARG A 365 0.71 12.62 -14.81
N LYS A 366 0.26 11.86 -13.82
CA LYS A 366 -0.93 11.03 -14.01
C LYS A 366 -2.17 11.88 -14.24
N ALA A 367 -2.29 13.00 -13.51
CA ALA A 367 -3.47 13.84 -13.65
C ALA A 367 -3.57 14.44 -15.04
N PHE A 368 -2.45 14.95 -15.58
CA PHE A 368 -2.48 15.50 -16.93
C PHE A 368 -2.77 14.43 -17.97
N SER A 369 -2.21 13.23 -17.79
CA SER A 369 -2.45 12.15 -18.73
C SER A 369 -3.94 11.75 -18.75
N THR A 370 -4.56 11.69 -17.58
CA THR A 370 -5.98 11.35 -17.53
C THR A 370 -6.83 12.44 -18.18
N LEU A 371 -6.49 13.71 -17.96
CA LEU A 371 -7.24 14.81 -18.55
C LEU A 371 -6.97 14.91 -20.04
N GLN B 7 -39.40 18.26 6.52
CA GLN B 7 -38.48 17.92 7.60
C GLN B 7 -37.09 18.48 7.33
N ARG B 8 -37.05 19.71 6.80
CA ARG B 8 -35.77 20.37 6.55
C ARG B 8 -35.02 20.64 7.85
N ASN B 9 -35.74 20.71 8.97
CA ASN B 9 -35.09 20.86 10.26
C ASN B 9 -34.21 19.66 10.58
N GLU B 10 -34.68 18.45 10.23
CA GLU B 10 -33.85 17.26 10.42
C GLU B 10 -32.58 17.31 9.56
N GLU B 11 -32.71 17.78 8.31
CA GLU B 11 -31.54 17.93 7.45
C GLU B 11 -30.57 18.95 8.01
N LYS B 12 -31.06 20.07 8.54
CA LYS B 12 -30.18 21.03 9.18
C LYS B 12 -29.49 20.44 10.40
N ALA B 13 -30.22 19.67 11.22
CA ALA B 13 -29.62 19.03 12.39
C ALA B 13 -28.51 18.08 11.98
N GLN B 14 -28.77 17.26 10.95
CA GLN B 14 -27.72 16.41 10.41
C GLN B 14 -26.56 17.23 9.88
N ARG B 15 -26.84 18.42 9.35
CA ARG B 15 -25.77 19.29 8.86
C ARG B 15 -24.84 19.73 9.99
N GLU B 16 -25.40 20.19 11.11
CA GLU B 16 -24.47 20.58 12.17
C GLU B 16 -23.82 19.36 12.83
N ALA B 17 -24.50 18.20 12.84
CA ALA B 17 -23.85 16.99 13.32
C ALA B 17 -22.64 16.65 12.44
N ASN B 18 -22.80 16.76 11.12
CA ASN B 18 -21.69 16.54 10.21
C ASN B 18 -20.58 17.56 10.44
N LYS B 19 -20.93 18.83 10.66
CA LYS B 19 -19.92 19.85 10.90
C LYS B 19 -19.11 19.53 12.17
N LYS B 20 -19.80 19.16 13.25
CA LYS B 20 -19.09 18.79 14.47
C LYS B 20 -18.22 17.56 14.27
N ILE B 21 -18.71 16.57 13.51
CA ILE B 21 -17.94 15.37 13.26
C ILE B 21 -16.67 15.69 12.48
N GLU B 22 -16.77 16.54 11.46
CA GLU B 22 -15.57 16.94 10.72
C GLU B 22 -14.62 17.75 11.59
N LYS B 23 -15.13 18.61 12.47
CA LYS B 23 -14.25 19.33 13.38
C LYS B 23 -13.46 18.37 14.28
N GLN B 24 -14.16 17.41 14.90
CA GLN B 24 -13.47 16.44 15.74
C GLN B 24 -12.49 15.59 14.92
N LEU B 25 -12.87 15.25 13.69
CA LEU B 25 -12.00 14.46 12.82
C LEU B 25 -10.73 15.21 12.47
N GLN B 26 -10.83 16.52 12.18
CA GLN B 26 -9.62 17.31 11.93
C GLN B 26 -8.78 17.42 13.19
N LYS B 27 -9.41 17.57 14.36
CA LYS B 27 -8.67 17.61 15.60
C LYS B 27 -7.87 16.33 15.82
N ASP B 28 -8.47 15.17 15.53
CA ASP B 28 -7.75 13.91 15.63
C ASP B 28 -6.72 13.76 14.51
N LYS B 29 -7.00 14.33 13.33
CA LYS B 29 -6.07 14.23 12.21
C LYS B 29 -4.77 14.93 12.51
N GLN B 30 -4.85 16.08 13.19
CA GLN B 30 -3.62 16.78 13.55
C GLN B 30 -2.72 15.89 14.42
N VAL B 31 -3.30 15.24 15.43
CA VAL B 31 -2.52 14.37 16.31
C VAL B 31 -1.99 13.18 15.54
N TYR B 32 -2.83 12.59 14.67
CA TYR B 32 -2.40 11.43 13.90
C TYR B 32 -1.22 11.75 12.99
N ARG B 33 -1.26 12.91 12.33
CA ARG B 33 -0.12 13.32 11.51
C ARG B 33 1.08 13.71 12.36
N ALA B 34 0.85 14.09 13.61
CA ALA B 34 1.92 14.50 14.51
C ALA B 34 2.56 13.34 15.25
N THR B 35 2.07 12.12 15.07
CA THR B 35 2.63 10.93 15.72
C THR B 35 3.20 9.99 14.67
N HIS B 36 4.24 9.25 15.04
CA HIS B 36 4.95 8.39 14.09
C HIS B 36 4.77 6.93 14.47
N ARG B 37 4.22 6.15 13.54
CA ARG B 37 4.08 4.71 13.73
C ARG B 37 5.42 4.03 13.52
N LEU B 38 5.65 2.94 14.24
CA LEU B 38 6.81 2.09 14.02
C LEU B 38 6.37 0.65 14.21
N LEU B 39 6.95 -0.27 13.42
CA LEU B 39 6.62 -1.68 13.59
C LEU B 39 7.86 -2.46 14.03
N LEU B 40 7.81 -3.02 15.24
CA LEU B 40 8.93 -3.78 15.77
C LEU B 40 8.74 -5.25 15.41
N LEU B 41 9.77 -5.85 14.82
CA LEU B 41 9.70 -7.24 14.38
C LEU B 41 11.04 -7.91 14.60
N GLY B 42 10.99 -9.23 14.74
CA GLY B 42 12.16 -10.04 15.00
C GLY B 42 11.78 -11.33 15.69
N ALA B 43 12.65 -12.32 15.57
CA ALA B 43 12.39 -13.61 16.16
C ALA B 43 12.45 -13.53 17.68
N ASP B 44 11.98 -14.59 18.33
CA ASP B 44 12.03 -14.67 19.78
C ASP B 44 13.47 -14.80 20.26
N ASN B 45 13.69 -14.40 21.51
CA ASN B 45 15.02 -14.39 22.12
C ASN B 45 15.99 -13.54 21.32
N SER B 46 15.51 -12.41 20.82
CA SER B 46 16.33 -11.48 20.05
C SER B 46 16.70 -10.22 20.81
N GLY B 47 15.88 -9.80 21.76
CA GLY B 47 16.16 -8.60 22.51
C GLY B 47 15.12 -7.52 22.31
N LYS B 48 14.04 -7.84 21.60
CA LYS B 48 12.97 -6.87 21.38
C LYS B 48 12.34 -6.47 22.71
N SER B 49 12.15 -7.42 23.61
CA SER B 49 11.65 -7.10 24.94
C SER B 49 12.60 -6.17 25.69
N THR B 50 13.90 -6.45 25.61
CA THR B 50 14.87 -5.55 26.23
C THR B 50 14.85 -4.17 25.60
N ILE B 51 14.70 -4.10 24.28
CA ILE B 51 14.65 -2.80 23.60
C ILE B 51 13.44 -2.00 24.05
N VAL B 52 12.26 -2.63 24.10
CA VAL B 52 11.07 -1.90 24.49
C VAL B 52 11.10 -1.55 25.97
N LYS B 53 11.73 -2.39 26.80
CA LYS B 53 11.91 -2.05 28.20
C LYS B 53 12.82 -0.83 28.37
N GLN B 54 13.90 -0.78 27.59
CA GLN B 54 14.76 0.40 27.60
C GLN B 54 14.02 1.63 27.10
N MET B 55 13.11 1.44 26.13
CA MET B 55 12.30 2.55 25.66
C MET B 55 11.30 2.99 26.73
N ARG B 56 11.03 2.13 27.70
CA ARG B 56 10.12 2.42 28.82
C ARG B 56 8.73 2.77 28.32
N GLY B 70 6.92 -7.66 25.34
CA GLY B 70 5.75 -8.35 25.85
C GLY B 70 4.47 -7.54 25.74
N ILE B 71 4.62 -6.25 25.47
CA ILE B 71 3.49 -5.34 25.33
C ILE B 71 3.28 -5.04 23.85
N PHE B 72 2.00 -4.93 23.47
CA PHE B 72 1.67 -4.61 22.08
C PHE B 72 2.20 -3.24 21.68
N GLU B 73 2.07 -2.26 22.56
CA GLU B 73 2.35 -0.87 22.23
C GLU B 73 3.40 -0.29 23.15
N THR B 74 4.19 0.63 22.61
CA THR B 74 5.14 1.42 23.39
C THR B 74 5.14 2.83 22.84
N LYS B 75 5.24 3.81 23.73
CA LYS B 75 5.25 5.22 23.33
C LYS B 75 6.47 5.91 23.93
N PHE B 76 7.18 6.68 23.10
CA PHE B 76 8.29 7.48 23.62
C PHE B 76 8.44 8.74 22.80
N GLN B 77 8.93 9.79 23.46
CA GLN B 77 9.09 11.11 22.86
C GLN B 77 10.55 11.50 22.90
N VAL B 78 11.08 11.91 21.75
CA VAL B 78 12.45 12.41 21.64
C VAL B 78 12.42 13.72 20.87
N ASP B 79 12.98 14.77 21.48
CA ASP B 79 13.05 16.11 20.89
C ASP B 79 11.68 16.57 20.38
N LYS B 80 10.68 16.43 21.25
CA LYS B 80 9.30 16.84 20.96
C LYS B 80 8.70 16.08 19.78
N VAL B 81 9.24 14.91 19.45
CA VAL B 81 8.70 14.06 18.40
C VAL B 81 8.21 12.77 19.03
N ASN B 82 6.97 12.40 18.73
CA ASN B 82 6.30 11.28 19.37
C ASN B 82 6.35 10.05 18.46
N PHE B 83 6.96 8.98 18.95
CA PHE B 83 6.99 7.70 18.26
C PHE B 83 6.18 6.71 19.09
N HIS B 84 5.44 5.83 18.41
CA HIS B 84 4.89 4.67 19.08
C HIS B 84 5.18 3.41 18.27
N MET B 85 5.69 2.41 18.96
CA MET B 85 6.11 1.13 18.39
C MET B 85 5.04 0.09 18.64
N PHE B 86 4.75 -0.70 17.62
CA PHE B 86 3.79 -1.79 17.72
C PHE B 86 4.54 -3.11 17.59
N ASP B 87 4.38 -3.96 18.59
CA ASP B 87 5.00 -5.29 18.62
C ASP B 87 3.90 -6.32 18.75
N VAL B 88 3.68 -7.11 17.70
CA VAL B 88 2.57 -8.05 17.65
C VAL B 88 3.06 -9.41 18.17
N GLY B 89 2.52 -9.82 19.31
CA GLY B 89 2.87 -11.10 19.88
C GLY B 89 1.68 -12.05 19.96
N GLY B 90 0.48 -11.50 20.09
CA GLY B 90 -0.71 -12.33 20.21
C GLY B 90 -1.07 -13.08 18.95
N GLN B 91 -0.68 -12.58 17.79
CA GLN B 91 -0.98 -13.28 16.54
C GLN B 91 -0.15 -14.56 16.45
N ARG B 92 -0.54 -15.43 15.53
CA ARG B 92 0.10 -16.73 15.39
C ARG B 92 1.47 -16.57 14.73
N ASP B 93 2.12 -17.68 14.44
CA ASP B 93 3.49 -17.64 13.91
C ASP B 93 3.52 -17.10 12.48
N GLU B 94 2.46 -17.37 11.70
CA GLU B 94 2.42 -16.89 10.32
C GLU B 94 2.37 -15.37 10.28
N ARG B 95 3.19 -14.78 9.42
CA ARG B 95 3.27 -13.33 9.27
C ARG B 95 2.77 -12.85 7.91
N ARG B 96 2.03 -13.69 7.19
CA ARG B 96 1.76 -13.40 5.78
C ARG B 96 0.81 -12.23 5.61
N LYS B 97 -0.29 -12.20 6.36
CA LYS B 97 -1.37 -11.27 6.06
C LYS B 97 -1.64 -10.23 7.15
N TRP B 98 -1.17 -10.44 8.38
CA TRP B 98 -1.32 -9.42 9.40
C TRP B 98 -0.18 -8.40 9.34
N ILE B 99 0.76 -8.57 8.42
CA ILE B 99 1.81 -7.57 8.25
C ILE B 99 1.42 -6.55 7.18
N GLN B 100 0.50 -6.90 6.27
CA GLN B 100 0.08 -5.97 5.22
C GLN B 100 -0.62 -4.75 5.77
N CYS B 101 -1.03 -4.76 7.04
CA CYS B 101 -1.61 -3.58 7.65
C CYS B 101 -0.56 -2.60 8.16
N PHE B 102 0.72 -2.87 7.91
CA PHE B 102 1.81 -1.99 8.33
C PHE B 102 2.50 -1.39 7.12
N ASN B 103 1.73 -1.04 6.09
CA ASN B 103 2.33 -0.47 4.89
C ASN B 103 2.56 1.03 4.97
N ASP B 104 2.03 1.69 6.00
CA ASP B 104 2.17 3.14 6.14
C ASP B 104 3.01 3.53 7.35
N VAL B 105 3.60 2.56 8.04
CA VAL B 105 4.43 2.87 9.19
C VAL B 105 5.69 3.59 8.72
N THR B 106 6.27 4.41 9.61
CA THR B 106 7.49 5.12 9.26
C THR B 106 8.63 4.16 8.98
N ALA B 107 8.79 3.13 9.82
CA ALA B 107 9.89 2.19 9.64
C ALA B 107 9.57 0.89 10.35
N ILE B 108 10.28 -0.16 9.94
CA ILE B 108 10.23 -1.47 10.57
C ILE B 108 11.54 -1.70 11.30
N ILE B 109 11.49 -1.81 12.62
CA ILE B 109 12.66 -2.05 13.44
C ILE B 109 12.85 -3.56 13.50
N PHE B 110 13.81 -4.06 12.73
CA PHE B 110 14.11 -5.48 12.66
C PHE B 110 15.24 -5.80 13.63
N VAL B 111 14.96 -6.63 14.64
CA VAL B 111 15.93 -7.00 15.65
C VAL B 111 16.48 -8.38 15.33
N VAL B 112 17.81 -8.49 15.28
CA VAL B 112 18.50 -9.73 14.93
C VAL B 112 19.45 -10.10 16.05
N ASP B 113 19.34 -11.34 16.54
CA ASP B 113 20.28 -11.86 17.52
C ASP B 113 21.54 -12.30 16.81
N SER B 114 22.59 -11.48 16.89
CA SER B 114 23.84 -11.78 16.20
C SER B 114 24.65 -12.88 16.86
N SER B 115 24.37 -13.21 18.12
CA SER B 115 25.16 -14.18 18.85
C SER B 115 24.89 -15.62 18.45
N ASP B 116 23.70 -15.91 17.94
CA ASP B 116 23.30 -17.28 17.60
C ASP B 116 23.36 -17.45 16.09
N TYR B 117 24.36 -18.22 15.63
CA TYR B 117 24.54 -18.42 14.20
C TYR B 117 23.56 -19.41 13.61
N ASN B 118 22.95 -20.26 14.43
CA ASN B 118 22.07 -21.31 13.90
C ASN B 118 20.83 -20.72 13.23
N ARG B 119 20.24 -19.69 13.86
CA ARG B 119 18.99 -19.11 13.38
C ARG B 119 19.19 -17.82 12.59
N LEU B 120 20.43 -17.49 12.23
CA LEU B 120 20.64 -16.28 11.43
C LEU B 120 20.01 -16.40 10.07
N GLN B 121 20.06 -17.58 9.45
CA GLN B 121 19.52 -17.72 8.10
C GLN B 121 18.02 -17.43 8.08
N GLU B 122 17.30 -17.81 9.13
CA GLU B 122 15.89 -17.46 9.23
C GLU B 122 15.71 -15.95 9.28
N ALA B 123 16.59 -15.26 10.03
CA ALA B 123 16.50 -13.80 10.10
C ALA B 123 16.75 -13.16 8.74
N LEU B 124 17.75 -13.64 8.00
CA LEU B 124 17.98 -13.12 6.65
C LEU B 124 16.80 -13.41 5.73
N ASN B 125 16.22 -14.61 5.82
CA ASN B 125 15.06 -14.92 4.98
C ASN B 125 13.89 -14.00 5.30
N LEU B 126 13.65 -13.75 6.58
CA LEU B 126 12.57 -12.85 6.98
C LEU B 126 12.85 -11.42 6.51
N PHE B 127 14.09 -10.97 6.61
CA PHE B 127 14.44 -9.64 6.12
C PHE B 127 14.25 -9.53 4.62
N LYS B 128 14.63 -10.56 3.87
CA LYS B 128 14.42 -10.57 2.43
C LYS B 128 12.93 -10.56 2.11
N SER B 129 12.13 -11.32 2.86
CA SER B 129 10.69 -11.34 2.64
C SER B 129 10.06 -9.98 2.90
N ILE B 130 10.50 -9.29 3.95
CA ILE B 130 9.97 -7.96 4.21
C ILE B 130 10.43 -6.97 3.14
N TRP B 131 11.68 -7.09 2.70
CA TRP B 131 12.25 -6.12 1.77
C TRP B 131 11.57 -6.17 0.41
N ASN B 132 11.29 -7.36 -0.09
CA ASN B 132 10.73 -7.53 -1.43
C ASN B 132 9.21 -7.56 -1.43
N ASN B 133 8.58 -7.33 -0.28
CA ASN B 133 7.13 -7.42 -0.20
C ASN B 133 6.47 -6.36 -1.09
N ARG B 134 5.41 -6.78 -1.78
CA ARG B 134 4.73 -5.90 -2.72
C ARG B 134 4.12 -4.69 -2.04
N TRP B 135 3.55 -4.89 -0.85
CA TRP B 135 2.93 -3.80 -0.10
C TRP B 135 3.89 -3.11 0.86
N LEU B 136 5.11 -3.61 0.99
CA LEU B 136 6.08 -3.05 1.91
C LEU B 136 7.36 -2.63 1.20
N ARG B 137 7.25 -2.35 -0.10
CA ARG B 137 8.42 -1.91 -0.86
C ARG B 137 8.80 -0.47 -0.53
N THR B 138 7.90 0.28 0.10
CA THR B 138 8.14 1.67 0.44
C THR B 138 8.53 1.83 1.91
N ILE B 139 8.61 0.74 2.66
CA ILE B 139 8.89 0.79 4.09
C ILE B 139 10.35 0.50 4.33
N SER B 140 11.05 1.47 4.92
CA SER B 140 12.45 1.28 5.28
C SER B 140 12.56 0.41 6.53
N VAL B 141 13.70 -0.26 6.64
CA VAL B 141 13.98 -1.18 7.74
C VAL B 141 15.19 -0.67 8.51
N ILE B 142 15.03 -0.52 9.81
CA ILE B 142 16.11 -0.16 10.71
C ILE B 142 16.58 -1.44 11.40
N LEU B 143 17.83 -1.83 11.14
CA LEU B 143 18.35 -3.11 11.57
C LEU B 143 19.13 -2.95 12.87
N PHE B 144 18.70 -3.67 13.90
CA PHE B 144 19.37 -3.68 15.20
C PHE B 144 20.00 -5.04 15.42
N LEU B 145 21.33 -5.11 15.34
CA LEU B 145 22.06 -6.35 15.58
C LEU B 145 22.38 -6.42 17.08
N ASN B 146 21.46 -7.01 17.84
CA ASN B 146 21.54 -6.99 19.29
C ASN B 146 22.49 -8.06 19.81
N LYS B 147 22.84 -7.92 21.10
CA LYS B 147 23.66 -8.89 21.82
C LYS B 147 25.01 -9.11 21.14
N GLN B 148 25.75 -8.01 20.96
CA GLN B 148 27.07 -8.11 20.33
C GLN B 148 28.11 -8.64 21.30
N ASP B 149 27.95 -8.39 22.60
CA ASP B 149 28.90 -8.91 23.57
C ASP B 149 28.95 -10.43 23.56
N LEU B 150 27.77 -11.07 23.53
CA LEU B 150 27.71 -12.53 23.49
C LEU B 150 28.40 -13.06 22.23
N LEU B 151 28.20 -12.38 21.10
CA LEU B 151 28.94 -12.72 19.89
C LEU B 151 30.44 -12.57 20.12
N ALA B 152 30.84 -11.57 20.91
CA ALA B 152 32.26 -11.39 21.19
C ALA B 152 32.83 -12.57 21.95
N GLU B 153 32.17 -13.03 23.01
CA GLU B 153 32.69 -14.22 23.71
C GLU B 153 32.61 -15.45 22.80
N LYS B 154 31.58 -15.53 21.96
CA LYS B 154 31.45 -16.67 21.07
C LYS B 154 32.64 -16.76 20.09
N VAL B 155 33.04 -15.63 19.52
CA VAL B 155 34.14 -15.66 18.56
C VAL B 155 35.47 -15.79 19.29
N LEU B 156 35.59 -15.22 20.49
CA LEU B 156 36.84 -15.35 21.23
C LEU B 156 37.07 -16.79 21.70
N ALA B 157 36.01 -17.49 22.06
CA ALA B 157 36.16 -18.88 22.50
C ALA B 157 36.69 -19.76 21.38
N GLY B 158 36.22 -19.53 20.15
CA GLY B 158 36.66 -20.35 19.03
C GLY B 158 36.01 -21.71 18.95
N LYS B 159 34.96 -21.94 19.74
CA LYS B 159 34.25 -23.22 19.70
C LYS B 159 33.25 -23.27 18.56
N SER B 160 32.59 -22.16 18.26
CA SER B 160 31.62 -22.06 17.16
C SER B 160 32.22 -21.17 16.08
N LYS B 161 32.62 -21.77 14.98
CA LYS B 161 33.21 -21.04 13.86
C LYS B 161 32.14 -20.63 12.87
N ILE B 162 32.22 -19.38 12.41
CA ILE B 162 31.27 -18.88 11.41
C ILE B 162 31.46 -19.61 10.09
N GLU B 163 32.70 -19.99 9.75
CA GLU B 163 32.95 -20.73 8.52
C GLU B 163 32.12 -22.01 8.46
N ASP B 164 31.80 -22.59 9.62
CA ASP B 164 30.94 -23.76 9.65
C ASP B 164 29.54 -23.44 9.15
N TYR B 165 29.03 -22.25 9.48
CA TYR B 165 27.69 -21.84 9.05
C TYR B 165 27.72 -20.93 7.83
N PHE B 166 28.74 -20.08 7.69
CA PHE B 166 28.88 -19.18 6.55
C PHE B 166 30.25 -19.35 5.94
N PRO B 167 30.37 -20.20 4.90
CA PRO B 167 31.68 -20.41 4.27
C PRO B 167 32.31 -19.15 3.70
N GLU B 168 31.50 -18.20 3.21
CA GLU B 168 32.05 -17.00 2.59
C GLU B 168 32.89 -16.20 3.58
N PHE B 169 32.61 -16.32 4.88
CA PHE B 169 33.40 -15.63 5.88
C PHE B 169 34.87 -16.05 5.85
N ALA B 170 35.15 -17.26 5.37
CA ALA B 170 36.55 -17.69 5.25
C ALA B 170 37.30 -16.81 4.24
N ARG B 171 36.59 -16.25 3.27
CA ARG B 171 37.20 -15.43 2.23
C ARG B 171 36.80 -13.97 2.34
N TYR B 172 36.20 -13.55 3.45
CA TYR B 172 35.77 -12.17 3.62
C TYR B 172 36.88 -11.34 4.27
N THR B 173 36.98 -10.09 3.82
CA THR B 173 37.93 -9.13 4.39
C THR B 173 37.15 -7.97 5.00
N THR B 174 37.60 -7.50 6.15
CA THR B 174 36.91 -6.42 6.84
C THR B 174 36.96 -5.14 5.99
N PRO B 175 35.85 -4.43 5.86
CA PRO B 175 35.87 -3.19 5.08
C PRO B 175 36.72 -2.12 5.74
N GLU B 176 37.28 -1.25 4.91
CA GLU B 176 38.12 -0.17 5.42
C GLU B 176 37.32 0.96 6.07
N ASP B 177 36.03 1.05 5.78
CA ASP B 177 35.18 2.07 6.40
C ASP B 177 34.55 1.51 7.68
N ALA B 178 35.40 1.01 8.56
CA ALA B 178 35.00 0.43 9.83
C ALA B 178 35.46 1.33 10.97
N THR B 179 34.66 1.39 12.03
CA THR B 179 34.93 2.22 13.21
C THR B 179 34.88 1.33 14.44
N PRO B 180 35.90 0.49 14.66
CA PRO B 180 35.88 -0.40 15.83
C PRO B 180 36.06 0.37 17.12
N GLU B 181 35.54 -0.19 18.19
CA GLU B 181 35.75 0.37 19.51
C GLU B 181 37.20 0.20 19.91
N PRO B 182 37.72 1.09 20.78
CA PRO B 182 39.11 0.92 21.24
C PRO B 182 39.29 -0.42 21.94
N GLY B 183 40.39 -1.08 21.60
CA GLY B 183 40.70 -2.39 22.14
C GLY B 183 39.94 -3.54 21.53
N GLU B 184 39.15 -3.30 20.49
CA GLU B 184 38.33 -4.36 19.91
C GLU B 184 39.20 -5.34 19.11
N ASP B 185 38.95 -6.62 19.30
CA ASP B 185 39.64 -7.64 18.52
C ASP B 185 39.21 -7.54 17.07
N PRO B 186 40.14 -7.37 16.12
CA PRO B 186 39.72 -7.23 14.72
C PRO B 186 39.02 -8.45 14.17
N ARG B 187 39.19 -9.63 14.77
CA ARG B 187 38.37 -10.77 14.39
C ARG B 187 36.90 -10.52 14.69
N VAL B 188 36.61 -9.93 15.85
CA VAL B 188 35.23 -9.58 16.21
C VAL B 188 34.69 -8.54 15.23
N THR B 189 35.50 -7.55 14.89
CA THR B 189 35.08 -6.53 13.93
C THR B 189 34.77 -7.14 12.58
N ARG B 190 35.64 -8.06 12.12
CA ARG B 190 35.39 -8.71 10.84
C ARG B 190 34.11 -9.54 10.87
N ALA B 191 33.86 -10.25 11.98
CA ALA B 191 32.63 -11.05 12.07
C ALA B 191 31.39 -10.18 12.05
N LYS B 192 31.36 -9.14 12.89
CA LYS B 192 30.18 -8.29 12.95
C LYS B 192 29.95 -7.55 11.64
N TYR B 193 31.01 -7.05 11.01
CA TYR B 193 30.86 -6.41 9.73
C TYR B 193 30.53 -7.40 8.61
N PHE B 194 30.88 -8.68 8.77
CA PHE B 194 30.44 -9.68 7.82
C PHE B 194 28.94 -9.90 7.91
N ILE B 195 28.41 -9.94 9.14
CA ILE B 195 26.96 -10.04 9.30
C ILE B 195 26.28 -8.81 8.70
N ARG B 196 26.82 -7.62 9.00
CA ARG B 196 26.27 -6.40 8.43
C ARG B 196 26.35 -6.40 6.91
N ASP B 197 27.45 -6.92 6.36
CA ASP B 197 27.61 -7.01 4.91
C ASP B 197 26.60 -7.95 4.28
N GLU B 198 26.31 -9.09 4.92
CA GLU B 198 25.25 -9.95 4.41
C GLU B 198 23.91 -9.22 4.41
N PHE B 199 23.58 -8.52 5.48
CA PHE B 199 22.29 -7.84 5.53
C PHE B 199 22.20 -6.71 4.50
N LEU B 200 23.26 -5.92 4.34
CA LEU B 200 23.25 -4.88 3.32
C LEU B 200 23.27 -5.46 1.91
N ARG B 201 23.89 -6.63 1.72
CA ARG B 201 23.80 -7.31 0.44
C ARG B 201 22.38 -7.71 0.12
N ILE B 202 21.64 -8.20 1.11
CA ILE B 202 20.23 -8.51 0.90
C ILE B 202 19.44 -7.23 0.62
N SER B 203 19.80 -6.13 1.29
CA SER B 203 19.02 -4.90 1.18
C SER B 203 19.24 -4.20 -0.16
N THR B 204 20.47 -4.15 -0.66
CA THR B 204 20.83 -3.34 -1.82
C THR B 204 20.41 -3.98 -3.14
N ALA B 205 20.09 -5.28 -3.16
CA ALA B 205 19.77 -5.95 -4.41
C ALA B 205 18.56 -5.33 -5.09
N SER B 206 17.53 -4.99 -4.32
CA SER B 206 16.32 -4.37 -4.86
C SER B 206 15.98 -3.09 -4.11
N GLY B 207 17.00 -2.31 -3.75
CA GLY B 207 16.75 -1.09 -3.00
C GLY B 207 15.99 -0.05 -3.79
N ASP B 208 16.31 0.08 -5.08
CA ASP B 208 15.62 0.84 -6.12
C ASP B 208 15.28 2.26 -5.70
N GLY B 209 15.93 2.80 -4.67
CA GLY B 209 15.74 4.16 -4.25
C GLY B 209 14.52 4.44 -3.41
N ARG B 210 13.56 3.53 -3.35
CA ARG B 210 12.34 3.78 -2.60
C ARG B 210 12.58 3.70 -1.10
N HIS B 211 13.31 2.69 -0.65
CA HIS B 211 13.53 2.43 0.77
C HIS B 211 14.95 1.94 0.99
N TYR B 212 15.50 2.23 2.16
CA TYR B 212 16.86 1.87 2.50
C TYR B 212 16.90 1.20 3.87
N CYS B 213 18.00 0.50 4.13
CA CYS B 213 18.21 -0.20 5.40
C CYS B 213 19.29 0.52 6.19
N TYR B 214 19.06 0.66 7.49
CA TYR B 214 19.97 1.40 8.37
C TYR B 214 20.55 0.45 9.42
N PRO B 215 21.72 -0.13 9.19
CA PRO B 215 22.31 -1.02 10.19
C PRO B 215 22.79 -0.26 11.41
N HIS B 216 22.71 -0.93 12.55
CA HIS B 216 23.17 -0.36 13.81
C HIS B 216 23.70 -1.46 14.71
N PHE B 217 24.75 -1.16 15.45
CA PHE B 217 25.41 -2.14 16.29
C PHE B 217 25.13 -1.80 17.74
N THR B 218 24.31 -2.62 18.40
CA THR B 218 23.82 -2.30 19.73
C THR B 218 23.95 -3.49 20.66
N CYS B 219 23.97 -3.20 21.96
CA CYS B 219 24.04 -4.21 23.01
C CYS B 219 22.87 -4.02 23.95
N ALA B 220 22.66 -5.01 24.82
CA ALA B 220 21.53 -4.97 25.75
C ALA B 220 21.67 -3.85 26.76
N VAL B 221 22.90 -3.41 27.05
CA VAL B 221 23.12 -2.38 28.06
C VAL B 221 23.08 -0.97 27.49
N ASP B 222 22.81 -0.81 26.19
CA ASP B 222 22.77 0.51 25.59
C ASP B 222 21.57 1.30 26.08
N THR B 223 21.78 2.59 26.33
CA THR B 223 20.73 3.50 26.73
C THR B 223 20.45 4.59 25.71
N GLU B 224 21.19 4.61 24.60
CA GLU B 224 21.01 5.62 23.56
C GLU B 224 20.28 5.09 22.35
N ASN B 225 19.55 3.98 22.49
CA ASN B 225 18.84 3.40 21.35
C ASN B 225 17.79 4.36 20.80
N ALA B 226 17.04 5.02 21.70
CA ALA B 226 15.94 5.88 21.26
C ALA B 226 16.41 6.98 20.33
N ARG B 227 17.63 7.48 20.54
CA ARG B 227 18.17 8.50 19.63
C ARG B 227 18.46 7.93 18.25
N ARG B 228 18.89 6.66 18.18
CA ARG B 228 19.22 6.06 16.90
C ARG B 228 18.02 5.99 15.98
N ILE B 229 16.86 5.57 16.51
CA ILE B 229 15.66 5.52 15.69
C ILE B 229 15.24 6.92 15.29
N PHE B 230 15.44 7.90 16.18
CA PHE B 230 15.11 9.28 15.84
C PHE B 230 15.93 9.78 14.65
N ASN B 231 17.24 9.56 14.69
CA ASN B 231 18.10 9.95 13.59
C ASN B 231 17.74 9.20 12.32
N ASP B 232 17.47 7.91 12.43
CA ASP B 232 17.14 7.12 11.24
C ASP B 232 15.82 7.58 10.62
N CYS B 233 14.83 7.92 11.45
CA CYS B 233 13.58 8.43 10.92
C CYS B 233 13.77 9.80 10.27
N ARG B 234 14.62 10.65 10.85
CA ARG B 234 14.95 11.90 10.19
C ARG B 234 15.53 11.66 8.81
N ASP B 235 16.46 10.70 8.72
CA ASP B 235 17.07 10.39 7.43
C ASP B 235 16.03 9.83 6.45
N ILE B 236 15.14 8.98 6.93
CA ILE B 236 14.11 8.40 6.05
C ILE B 236 13.21 9.50 5.50
N ILE B 237 12.79 10.43 6.35
CA ILE B 237 11.90 11.50 5.88
C ILE B 237 12.64 12.43 4.93
N GLN B 238 13.91 12.76 5.25
CA GLN B 238 14.69 13.59 4.34
C GLN B 238 14.81 12.94 2.97
N ARG B 239 15.11 11.63 2.94
CA ARG B 239 15.31 10.97 1.65
C ARG B 239 14.00 10.77 0.91
N MET B 240 12.90 10.58 1.63
CA MET B 240 11.60 10.54 0.98
C MET B 240 11.27 11.87 0.34
N HIS B 241 11.54 12.98 1.03
CA HIS B 241 11.30 14.29 0.44
C HIS B 241 12.21 14.54 -0.74
N LEU B 242 13.48 14.13 -0.64
CA LEU B 242 14.40 14.30 -1.76
C LEU B 242 13.95 13.51 -2.98
N ARG B 243 13.52 12.27 -2.79
CA ARG B 243 13.01 11.49 -3.90
C ARG B 243 11.71 12.07 -4.43
N GLN B 244 10.94 12.74 -3.58
CA GLN B 244 9.71 13.37 -4.03
C GLN B 244 9.98 14.49 -5.03
N TYR B 245 11.03 15.27 -4.79
CA TYR B 245 11.39 16.38 -5.65
C TYR B 245 12.36 15.96 -6.75
N GLU B 246 12.57 14.66 -6.93
CA GLU B 246 13.40 14.07 -7.99
C GLU B 246 14.88 14.39 -7.85
N LEU B 247 15.30 15.02 -6.75
CA LEU B 247 16.72 15.30 -6.56
C LEU B 247 17.53 14.02 -6.45
N LEU B 248 17.14 13.13 -5.54
CA LEU B 248 17.90 11.92 -5.29
C LEU B 248 17.44 10.80 -6.20
N SER C 20 1.55 -48.79 11.50
CA SER C 20 1.16 -47.60 12.24
C SER C 20 -0.23 -47.13 11.83
N GLU C 21 -1.02 -46.69 12.81
CA GLU C 21 -2.38 -46.23 12.53
C GLU C 21 -2.40 -44.94 11.73
N LEU C 22 -1.40 -44.08 11.90
CA LEU C 22 -1.38 -42.80 11.18
C LEU C 22 -1.27 -43.02 9.68
N ASP C 23 -0.42 -43.95 9.25
CA ASP C 23 -0.29 -44.24 7.83
C ASP C 23 -1.58 -44.81 7.24
N GLN C 24 -2.25 -45.70 7.99
CA GLN C 24 -3.54 -46.23 7.54
C GLN C 24 -4.59 -45.15 7.43
N LEU C 25 -4.65 -44.23 8.40
CA LEU C 25 -5.59 -43.13 8.33
C LEU C 25 -5.29 -42.21 7.15
N ARG C 26 -4.01 -41.93 6.89
CA ARG C 26 -3.65 -41.11 5.74
C ARG C 26 -4.04 -41.79 4.44
N GLN C 27 -3.81 -43.09 4.32
CA GLN C 27 -4.19 -43.82 3.11
C GLN C 27 -5.70 -43.81 2.93
N GLU C 28 -6.45 -43.99 4.01
CA GLU C 28 -7.90 -43.96 3.92
C GLU C 28 -8.40 -42.57 3.54
N ALA C 29 -7.78 -41.52 4.07
CA ALA C 29 -8.16 -40.16 3.70
C ALA C 29 -7.88 -39.90 2.22
N GLU C 30 -6.74 -40.39 1.73
CA GLU C 30 -6.43 -40.26 0.31
C GLU C 30 -7.45 -41.01 -0.54
N GLN C 31 -7.85 -42.20 -0.11
CA GLN C 31 -8.87 -42.96 -0.83
C GLN C 31 -10.20 -42.21 -0.85
N LEU C 32 -10.57 -41.60 0.28
CA LEU C 32 -11.81 -40.82 0.33
C LEU C 32 -11.72 -39.61 -0.59
N LYS C 33 -10.57 -38.94 -0.63
CA LYS C 33 -10.39 -37.81 -1.54
C LYS C 33 -10.50 -38.25 -2.99
N ASN C 34 -9.92 -39.40 -3.34
CA ASN C 34 -10.06 -39.93 -4.69
C ASN C 34 -11.52 -40.27 -5.02
N GLN C 35 -12.24 -40.84 -4.05
CA GLN C 35 -13.66 -41.13 -4.27
C GLN C 35 -14.45 -39.85 -4.48
N ILE C 36 -14.16 -38.81 -3.71
CA ILE C 36 -14.85 -37.53 -3.87
C ILE C 36 -14.55 -36.93 -5.25
N ARG C 37 -13.28 -37.00 -5.67
CA ARG C 37 -12.93 -36.49 -6.99
C ARG C 37 -13.63 -37.27 -8.10
N ASP C 38 -13.70 -38.60 -7.97
CA ASP C 38 -14.37 -39.42 -8.98
C ASP C 38 -15.87 -39.10 -9.03
N ALA C 39 -16.51 -38.94 -7.86
CA ALA C 39 -17.91 -38.58 -7.82
C ALA C 39 -18.17 -37.19 -8.40
N ARG C 40 -17.28 -36.23 -8.16
CA ARG C 40 -17.40 -34.91 -8.74
C ARG C 40 -17.22 -34.93 -10.26
N LYS C 41 -16.27 -35.74 -10.75
CA LYS C 41 -16.10 -35.88 -12.19
C LYS C 41 -17.25 -36.61 -12.85
N ALA C 42 -17.93 -37.51 -12.12
CA ALA C 42 -19.07 -38.22 -12.67
C ALA C 42 -20.23 -37.27 -12.97
N CYS C 43 -20.46 -36.30 -12.10
CA CYS C 43 -21.54 -35.33 -12.29
C CYS C 43 -21.16 -34.20 -13.22
N ALA C 44 -19.91 -34.13 -13.66
CA ALA C 44 -19.46 -33.07 -14.58
C ALA C 44 -19.73 -33.48 -16.03
N ASP C 45 -21.03 -33.65 -16.33
CA ASP C 45 -21.43 -34.03 -17.68
C ASP C 45 -21.13 -32.92 -18.68
N ALA C 46 -21.33 -31.66 -18.29
CA ALA C 46 -21.07 -30.53 -19.16
C ALA C 46 -20.64 -29.34 -18.31
N THR C 47 -20.45 -28.20 -18.96
CA THR C 47 -20.07 -26.97 -18.28
C THR C 47 -21.16 -25.93 -18.45
N LEU C 48 -21.23 -25.02 -17.47
CA LEU C 48 -22.25 -23.97 -17.51
C LEU C 48 -21.98 -22.96 -18.61
N SER C 49 -20.75 -22.91 -19.12
CA SER C 49 -20.45 -22.03 -20.24
C SER C 49 -21.27 -22.41 -21.47
N GLN C 50 -21.39 -23.72 -21.74
CA GLN C 50 -22.20 -24.17 -22.87
C GLN C 50 -23.67 -23.78 -22.67
N ILE C 51 -24.17 -23.94 -21.45
CA ILE C 51 -25.58 -23.66 -21.19
C ILE C 51 -25.87 -22.17 -21.32
N THR C 52 -24.94 -21.32 -20.87
CA THR C 52 -25.14 -19.87 -20.90
C THR C 52 -24.63 -19.24 -22.19
N ASN C 53 -24.08 -20.02 -23.11
CA ASN C 53 -23.70 -19.48 -24.40
C ASN C 53 -24.89 -19.06 -25.25
N ASN C 54 -26.10 -19.49 -24.88
CA ASN C 54 -27.30 -19.18 -25.63
C ASN C 54 -28.03 -17.94 -25.12
N ILE C 55 -27.62 -17.37 -23.99
CA ILE C 55 -28.30 -16.20 -23.45
C ILE C 55 -27.62 -14.93 -23.95
N ASP C 56 -28.40 -13.85 -23.99
CA ASP C 56 -27.92 -12.58 -24.52
C ASP C 56 -26.97 -11.90 -23.51
N PRO C 57 -25.93 -11.25 -24.01
CA PRO C 57 -25.05 -10.49 -23.10
C PRO C 57 -25.79 -9.32 -22.47
N VAL C 58 -25.35 -8.96 -21.26
CA VAL C 58 -25.92 -7.83 -20.56
C VAL C 58 -25.55 -6.49 -21.17
N GLY C 59 -24.57 -6.48 -22.08
CA GLY C 59 -24.11 -5.23 -22.66
C GLY C 59 -23.10 -4.53 -21.77
N ARG C 60 -22.53 -3.46 -22.32
CA ARG C 60 -21.54 -2.69 -21.59
C ARG C 60 -22.18 -2.00 -20.40
N ILE C 61 -21.57 -2.14 -19.23
CA ILE C 61 -22.07 -1.54 -18.00
C ILE C 61 -21.04 -0.53 -17.53
N GLN C 62 -21.35 0.75 -17.69
CA GLN C 62 -20.45 1.84 -17.34
C GLN C 62 -21.06 2.64 -16.19
N MET C 63 -20.60 2.35 -14.97
CA MET C 63 -21.03 3.08 -13.80
C MET C 63 -20.09 4.24 -13.52
N ARG C 64 -20.61 5.27 -12.88
CA ARG C 64 -19.84 6.47 -12.58
C ARG C 64 -19.97 6.81 -11.11
N THR C 65 -18.92 7.45 -10.58
CA THR C 65 -18.91 7.82 -9.18
C THR C 65 -19.95 8.90 -8.91
N ARG C 66 -21.08 8.51 -8.32
CA ARG C 66 -22.13 9.46 -7.99
C ARG C 66 -21.91 10.17 -6.66
N ARG C 67 -21.24 9.52 -5.71
CA ARG C 67 -20.91 10.13 -4.44
C ARG C 67 -19.46 9.79 -4.09
N THR C 68 -18.77 10.74 -3.47
CA THR C 68 -17.42 10.53 -2.98
C THR C 68 -17.38 10.85 -1.50
N LEU C 69 -17.00 9.87 -0.70
CA LEU C 69 -17.05 9.98 0.76
C LEU C 69 -15.62 10.13 1.27
N ARG C 70 -15.27 11.35 1.67
CA ARG C 70 -13.92 11.67 2.12
C ARG C 70 -13.91 12.01 3.61
N GLY C 71 -12.77 11.79 4.23
CA GLY C 71 -12.63 12.07 5.65
C GLY C 71 -11.75 11.08 6.40
N HIS C 72 -11.62 9.87 5.88
CA HIS C 72 -10.76 8.88 6.50
C HIS C 72 -9.31 9.30 6.40
N LEU C 73 -8.51 8.85 7.36
CA LEU C 73 -7.11 9.25 7.49
C LEU C 73 -6.13 8.19 7.00
N ALA C 74 -6.56 6.94 6.91
CA ALA C 74 -5.65 5.86 6.54
C ALA C 74 -6.40 4.84 5.68
N LYS C 75 -5.78 3.71 5.43
CA LYS C 75 -6.37 2.70 4.55
C LYS C 75 -7.64 2.13 5.17
N ILE C 76 -8.56 1.72 4.31
CA ILE C 76 -9.86 1.21 4.74
C ILE C 76 -9.89 -0.30 4.55
N TYR C 77 -10.54 -1.02 5.47
CA TYR C 77 -10.64 -2.47 5.36
C TYR C 77 -12.06 -3.02 5.26
N ALA C 78 -13.09 -2.29 5.66
CA ALA C 78 -14.40 -2.92 5.71
C ALA C 78 -15.50 -1.90 5.48
N MET C 79 -16.68 -2.41 5.13
CA MET C 79 -17.89 -1.64 5.05
C MET C 79 -19.06 -2.61 4.96
N HIS C 80 -20.25 -2.11 5.31
CA HIS C 80 -21.44 -2.96 5.29
C HIS C 80 -22.67 -2.05 5.24
N TRP C 81 -23.47 -2.18 4.19
CA TRP C 81 -24.68 -1.37 4.14
C TRP C 81 -25.82 -2.06 4.89
N GLY C 82 -26.58 -1.25 5.61
CA GLY C 82 -27.67 -1.75 6.42
C GLY C 82 -28.89 -2.12 5.61
N THR C 83 -29.91 -2.62 6.32
CA THR C 83 -31.14 -3.03 5.66
C THR C 83 -31.86 -1.85 5.01
N ASP C 84 -31.72 -0.65 5.57
CA ASP C 84 -32.36 0.52 4.99
C ASP C 84 -31.69 1.01 3.71
N SER C 85 -30.51 0.49 3.38
CA SER C 85 -29.72 0.92 2.23
C SER C 85 -29.39 2.40 2.30
N ARG C 86 -29.36 2.97 3.51
CA ARG C 86 -29.10 4.38 3.71
C ARG C 86 -27.78 4.63 4.44
N LEU C 87 -27.61 4.03 5.62
CA LEU C 87 -26.40 4.25 6.41
C LEU C 87 -25.36 3.19 6.08
N LEU C 88 -24.11 3.48 6.43
CA LEU C 88 -23.02 2.57 6.18
C LEU C 88 -21.99 2.71 7.28
N VAL C 89 -21.07 1.75 7.35
CA VAL C 89 -19.99 1.75 8.32
C VAL C 89 -18.68 1.63 7.55
N SER C 90 -17.59 2.16 8.12
CA SER C 90 -16.28 2.06 7.51
C SER C 90 -15.22 2.07 8.60
N ALA C 91 -14.14 1.33 8.37
CA ALA C 91 -13.05 1.20 9.33
C ALA C 91 -11.74 1.59 8.67
N SER C 92 -10.94 2.39 9.37
CA SER C 92 -9.63 2.80 8.89
C SER C 92 -8.61 2.66 10.01
N GLN C 93 -7.33 2.75 9.65
CA GLN C 93 -6.24 2.54 10.58
C GLN C 93 -5.93 3.77 11.42
N ASP C 94 -6.81 4.76 11.41
CA ASP C 94 -6.73 5.86 12.37
C ASP C 94 -7.52 5.56 13.63
N GLY C 95 -8.13 4.37 13.72
CA GLY C 95 -8.91 4.00 14.89
C GLY C 95 -10.28 4.63 14.96
N LYS C 96 -10.92 4.87 13.82
CA LYS C 96 -12.23 5.51 13.79
C LYS C 96 -13.21 4.67 12.99
N LEU C 97 -14.46 4.68 13.46
CA LEU C 97 -15.59 4.06 12.76
C LEU C 97 -16.55 5.19 12.42
N ILE C 98 -16.68 5.49 11.14
CA ILE C 98 -17.51 6.59 10.67
C ILE C 98 -18.77 6.03 10.05
N ILE C 99 -19.92 6.47 10.54
CA ILE C 99 -21.22 6.10 9.99
C ILE C 99 -21.65 7.17 9.00
N TRP C 100 -21.63 6.84 7.72
CA TRP C 100 -21.95 7.77 6.65
C TRP C 100 -23.40 7.60 6.24
N ASP C 101 -24.01 8.70 5.80
CA ASP C 101 -25.33 8.67 5.17
C ASP C 101 -25.09 8.69 3.67
N SER C 102 -25.34 7.55 3.00
CA SER C 102 -24.96 7.41 1.61
C SER C 102 -25.65 8.41 0.69
N TYR C 103 -26.90 8.77 0.97
CA TYR C 103 -27.64 9.64 0.07
C TYR C 103 -27.07 11.06 0.07
N THR C 104 -26.80 11.60 1.26
CA THR C 104 -26.40 12.99 1.40
C THR C 104 -24.95 13.17 1.81
N THR C 105 -24.16 12.10 1.86
CA THR C 105 -22.75 12.13 2.21
C THR C 105 -22.48 12.77 3.57
N ASN C 106 -23.46 12.72 4.48
CA ASN C 106 -23.24 13.24 5.82
C ASN C 106 -22.68 12.16 6.73
N LYS C 107 -22.03 12.59 7.81
CA LYS C 107 -21.51 11.68 8.81
C LYS C 107 -22.40 11.72 10.04
N VAL C 108 -22.92 10.56 10.43
CA VAL C 108 -23.82 10.48 11.57
C VAL C 108 -23.06 10.23 12.87
N HIS C 109 -22.01 9.41 12.81
CA HIS C 109 -21.22 9.12 14.00
C HIS C 109 -19.77 8.96 13.58
N ALA C 110 -18.87 9.20 14.53
CA ALA C 110 -17.44 8.99 14.34
C ALA C 110 -16.93 8.34 15.62
N ILE C 111 -16.91 7.00 15.63
CA ILE C 111 -16.64 6.23 16.84
C ILE C 111 -15.13 6.02 16.94
N PRO C 112 -14.46 6.57 17.95
CA PRO C 112 -13.04 6.24 18.15
C PRO C 112 -12.88 4.81 18.64
N LEU C 113 -11.72 4.23 18.35
CA LEU C 113 -11.43 2.85 18.71
C LEU C 113 -10.21 2.79 19.62
N ARG C 114 -10.29 1.92 20.63
CA ARG C 114 -9.14 1.72 21.52
C ARG C 114 -7.95 1.13 20.78
N SER C 115 -8.19 0.18 19.88
CA SER C 115 -7.14 -0.42 19.06
C SER C 115 -7.33 0.05 17.63
N SER C 116 -6.29 0.68 17.07
CA SER C 116 -6.40 1.29 15.75
C SER C 116 -6.29 0.29 14.61
N TRP C 117 -5.89 -0.95 14.88
CA TRP C 117 -5.69 -1.94 13.82
C TRP C 117 -6.92 -2.82 13.62
N VAL C 118 -8.03 -2.22 13.16
CA VAL C 118 -9.23 -2.99 12.89
C VAL C 118 -9.24 -3.43 11.43
N MET C 119 -9.92 -4.54 11.16
CA MET C 119 -10.02 -5.09 9.82
C MET C 119 -11.45 -5.37 9.37
N THR C 120 -12.45 -5.25 10.23
CA THR C 120 -13.79 -5.68 9.86
C THR C 120 -14.84 -4.78 10.50
N CYS C 121 -16.03 -4.79 9.91
CA CYS C 121 -17.19 -4.09 10.44
C CYS C 121 -18.42 -4.92 10.15
N ALA C 122 -19.48 -4.67 10.91
CA ALA C 122 -20.76 -5.30 10.68
C ALA C 122 -21.88 -4.33 11.06
N TYR C 123 -22.97 -4.40 10.32
CA TYR C 123 -24.15 -3.57 10.55
C TYR C 123 -25.32 -4.49 10.86
N ALA C 124 -25.89 -4.34 12.05
CA ALA C 124 -26.96 -5.23 12.46
C ALA C 124 -28.19 -5.03 11.58
N PRO C 125 -28.97 -6.07 11.32
CA PRO C 125 -30.19 -5.89 10.52
C PRO C 125 -31.17 -4.91 11.12
N SER C 126 -31.24 -4.81 12.44
CA SER C 126 -32.10 -3.84 13.10
C SER C 126 -31.51 -2.45 13.17
N GLY C 127 -30.24 -2.28 12.78
CA GLY C 127 -29.60 -0.99 12.84
C GLY C 127 -29.25 -0.52 14.23
N ASN C 128 -29.34 -1.39 15.23
CA ASN C 128 -29.13 -0.98 16.62
C ASN C 128 -27.69 -1.14 17.08
N TYR C 129 -26.86 -1.88 16.35
CA TYR C 129 -25.51 -2.17 16.79
C TYR C 129 -24.54 -2.16 15.62
N VAL C 130 -23.28 -1.89 15.94
CA VAL C 130 -22.18 -1.99 15.00
C VAL C 130 -21.08 -2.82 15.66
N ALA C 131 -20.23 -3.43 14.85
CA ALA C 131 -19.18 -4.30 15.36
C ALA C 131 -17.84 -3.93 14.73
N CYS C 132 -16.76 -4.23 15.45
CA CYS C 132 -15.42 -4.01 14.95
C CYS C 132 -14.49 -5.01 15.61
N GLY C 133 -13.32 -5.20 14.99
CA GLY C 133 -12.32 -6.10 15.55
C GLY C 133 -11.08 -6.10 14.69
N GLY C 134 -9.99 -6.55 15.29
CA GLY C 134 -8.72 -6.57 14.60
C GLY C 134 -7.61 -7.27 15.35
N LEU C 135 -6.42 -6.68 15.34
CA LEU C 135 -5.27 -7.29 15.99
C LEU C 135 -5.39 -7.35 17.51
N ASP C 136 -6.35 -6.63 18.09
CA ASP C 136 -6.54 -6.65 19.53
C ASP C 136 -7.14 -7.96 20.04
N ASN C 137 -7.57 -8.85 19.15
CA ASN C 137 -8.14 -10.15 19.51
C ASN C 137 -9.49 -10.00 20.21
N ILE C 138 -10.12 -8.83 20.07
CA ILE C 138 -11.36 -8.52 20.76
C ILE C 138 -12.39 -8.06 19.73
N CYS C 139 -13.61 -8.58 19.85
CA CYS C 139 -14.73 -8.15 19.02
C CYS C 139 -15.55 -7.15 19.81
N SER C 140 -15.48 -5.88 19.42
CA SER C 140 -16.14 -4.80 20.15
C SER C 140 -17.48 -4.48 19.50
N ILE C 141 -18.53 -4.44 20.31
CA ILE C 141 -19.87 -4.11 19.84
C ILE C 141 -20.25 -2.75 20.42
N TYR C 142 -20.69 -1.84 19.54
CA TYR C 142 -21.09 -0.50 19.95
C TYR C 142 -22.58 -0.33 19.68
N ASN C 143 -23.28 0.32 20.60
CA ASN C 143 -24.71 0.55 20.50
C ASN C 143 -24.93 1.90 19.83
N LEU C 144 -25.53 1.88 18.64
CA LEU C 144 -25.87 3.13 17.97
C LEU C 144 -27.00 3.86 18.67
N LYS C 145 -28.00 3.13 19.17
CA LYS C 145 -29.16 3.72 19.82
C LYS C 145 -28.86 3.84 21.31
N THR C 146 -28.47 5.04 21.74
CA THR C 146 -28.18 5.31 23.14
C THR C 146 -29.14 6.38 23.67
N ARG C 147 -29.41 6.30 24.96
CA ARG C 147 -30.29 7.26 25.62
C ARG C 147 -29.59 8.56 25.96
N GLU C 148 -28.26 8.60 25.93
CA GLU C 148 -27.51 9.81 26.21
C GLU C 148 -27.15 10.61 24.97
N GLY C 149 -27.40 10.07 23.78
CA GLY C 149 -27.07 10.73 22.54
C GLY C 149 -25.65 10.51 22.06
N ASN C 150 -24.82 9.84 22.86
CA ASN C 150 -23.43 9.57 22.51
C ASN C 150 -23.23 8.07 22.38
N VAL C 151 -22.53 7.66 21.30
CA VAL C 151 -22.29 6.25 21.07
C VAL C 151 -21.24 5.75 22.04
N ARG C 152 -21.49 4.57 22.61
CA ARG C 152 -20.56 3.94 23.54
C ARG C 152 -20.52 2.45 23.28
N VAL C 153 -19.40 1.83 23.63
CA VAL C 153 -19.22 0.39 23.46
C VAL C 153 -20.19 -0.34 24.39
N SER C 154 -20.63 -1.51 23.98
CA SER C 154 -21.56 -2.32 24.75
C SER C 154 -20.92 -3.58 25.30
N ARG C 155 -20.31 -4.40 24.45
CA ARG C 155 -19.67 -5.64 24.86
C ARG C 155 -18.34 -5.79 24.17
N GLU C 156 -17.44 -6.52 24.84
CA GLU C 156 -16.13 -6.85 24.26
C GLU C 156 -15.96 -8.35 24.34
N LEU C 157 -15.95 -9.01 23.19
CA LEU C 157 -15.91 -10.46 23.10
C LEU C 157 -14.47 -10.92 22.98
N ALA C 158 -14.03 -11.74 23.93
CA ALA C 158 -12.66 -12.22 23.99
C ALA C 158 -12.66 -13.74 24.03
N GLY C 159 -11.56 -14.33 23.57
CA GLY C 159 -11.42 -15.77 23.53
C GLY C 159 -10.67 -16.25 22.30
N HIS C 160 -10.55 -15.39 21.30
CA HIS C 160 -9.79 -15.71 20.11
C HIS C 160 -8.30 -15.49 20.36
N THR C 161 -7.47 -16.38 19.83
CA THR C 161 -6.02 -16.25 19.92
C THR C 161 -5.40 -15.71 18.64
N GLY C 162 -6.23 -15.23 17.69
CA GLY C 162 -5.74 -14.68 16.46
C GLY C 162 -6.51 -13.42 16.09
N TYR C 163 -5.98 -12.71 15.10
CA TYR C 163 -6.60 -11.47 14.65
C TYR C 163 -7.96 -11.76 14.02
N LEU C 164 -8.91 -10.85 14.25
CA LEU C 164 -10.25 -10.99 13.70
C LEU C 164 -10.26 -10.47 12.27
N SER C 165 -10.78 -11.29 11.34
CA SER C 165 -10.78 -10.93 9.93
C SER C 165 -12.13 -10.42 9.43
N CYS C 166 -13.24 -11.05 9.85
CA CYS C 166 -14.55 -10.61 9.43
C CYS C 166 -15.58 -11.10 10.43
N CYS C 167 -16.66 -10.33 10.56
CA CYS C 167 -17.74 -10.67 11.49
C CYS C 167 -19.05 -10.12 10.95
N ARG C 168 -20.13 -10.86 11.15
CA ARG C 168 -21.43 -10.48 10.63
C ARG C 168 -22.50 -10.82 11.66
N PHE C 169 -23.53 -9.97 11.74
CA PHE C 169 -24.62 -10.20 12.67
C PHE C 169 -25.68 -11.13 12.08
N LEU C 170 -26.14 -12.07 12.91
CA LEU C 170 -27.36 -12.81 12.62
C LEU C 170 -28.57 -12.03 13.11
N ASP C 171 -28.54 -11.59 14.36
CA ASP C 171 -29.55 -10.71 14.93
C ASP C 171 -28.87 -9.85 16.00
N ASP C 172 -29.67 -9.23 16.86
CA ASP C 172 -29.11 -8.44 17.95
C ASP C 172 -28.56 -9.30 19.08
N ASN C 173 -28.77 -10.61 19.04
CA ASN C 173 -28.31 -11.49 20.12
C ASN C 173 -27.33 -12.56 19.67
N GLN C 174 -27.09 -12.74 18.37
CA GLN C 174 -26.13 -13.71 17.87
C GLN C 174 -25.20 -13.03 16.87
N ILE C 175 -23.90 -13.19 17.05
CA ILE C 175 -22.91 -12.65 16.13
C ILE C 175 -21.90 -13.73 15.77
N VAL C 176 -21.63 -13.90 14.49
CA VAL C 176 -20.68 -14.89 14.02
C VAL C 176 -19.41 -14.18 13.62
N THR C 177 -18.28 -14.65 14.13
CA THR C 177 -17.00 -13.99 13.97
C THR C 177 -15.97 -14.97 13.43
N SER C 178 -15.03 -14.44 12.64
CA SER C 178 -13.97 -15.22 12.03
C SER C 178 -12.63 -14.66 12.50
N SER C 179 -11.73 -15.54 12.98
CA SER C 179 -10.50 -15.07 13.58
C SER C 179 -9.29 -15.67 12.87
N GLY C 180 -8.12 -15.09 13.15
CA GLY C 180 -6.88 -15.54 12.55
C GLY C 180 -6.30 -16.80 13.15
N ASP C 181 -6.92 -17.33 14.20
CA ASP C 181 -6.50 -18.60 14.78
C ASP C 181 -7.16 -19.79 14.11
N THR C 182 -7.58 -19.62 12.85
CA THR C 182 -8.21 -20.66 12.04
C THR C 182 -9.56 -21.13 12.60
N THR C 183 -10.25 -20.26 13.34
CA THR C 183 -11.50 -20.65 13.99
C THR C 183 -12.58 -19.59 13.74
N CYS C 184 -13.81 -20.07 13.68
CA CYS C 184 -15.00 -19.23 13.70
C CYS C 184 -15.72 -19.44 15.03
N ALA C 185 -16.49 -18.43 15.43
CA ALA C 185 -17.19 -18.53 16.71
C ALA C 185 -18.51 -17.78 16.64
N LEU C 186 -19.58 -18.46 17.04
CA LEU C 186 -20.89 -17.84 17.19
C LEU C 186 -21.07 -17.45 18.65
N TRP C 187 -21.21 -16.15 18.89
CA TRP C 187 -21.27 -15.55 20.21
C TRP C 187 -22.67 -15.06 20.50
N ASP C 188 -23.05 -15.13 21.76
CA ASP C 188 -24.22 -14.43 22.29
C ASP C 188 -23.70 -13.16 22.96
N ILE C 189 -24.13 -12.01 22.46
CA ILE C 189 -23.56 -10.74 22.87
C ILE C 189 -23.79 -10.49 24.37
N GLU C 190 -24.99 -10.80 24.86
CA GLU C 190 -25.33 -10.51 26.24
C GLU C 190 -24.45 -11.30 27.21
N THR C 191 -24.36 -12.63 27.01
CA THR C 191 -23.58 -13.45 27.93
C THR C 191 -22.08 -13.33 27.70
N GLY C 192 -21.66 -12.91 26.51
CA GLY C 192 -20.24 -12.76 26.23
C GLY C 192 -19.49 -14.06 26.01
N GLN C 193 -20.19 -15.18 25.91
CA GLN C 193 -19.55 -16.49 25.77
C GLN C 193 -19.66 -16.98 24.34
N GLN C 194 -18.71 -17.84 23.95
CA GLN C 194 -18.76 -18.49 22.64
C GLN C 194 -19.83 -19.56 22.68
N THR C 195 -21.01 -19.23 22.16
CA THR C 195 -22.10 -20.21 22.11
C THR C 195 -21.74 -21.42 21.26
N THR C 196 -21.06 -21.20 20.14
CA THR C 196 -20.65 -22.32 19.28
C THR C 196 -19.28 -22.02 18.71
N THR C 197 -18.47 -23.07 18.54
CA THR C 197 -17.13 -22.95 17.99
C THR C 197 -17.01 -23.80 16.73
N PHE C 198 -16.54 -23.18 15.65
CA PHE C 198 -16.34 -23.84 14.37
C PHE C 198 -14.85 -23.98 14.13
N THR C 199 -14.37 -25.22 14.03
CA THR C 199 -12.97 -25.51 13.82
C THR C 199 -12.83 -26.57 12.74
N GLY C 200 -11.64 -26.60 12.12
CA GLY C 200 -11.38 -27.54 11.04
C GLY C 200 -10.50 -26.94 9.97
N HIS C 201 -10.39 -25.62 9.96
CA HIS C 201 -9.52 -24.92 9.02
C HIS C 201 -8.07 -24.99 9.47
N THR C 202 -7.16 -25.12 8.50
CA THR C 202 -5.74 -25.20 8.81
C THR C 202 -5.05 -23.85 8.71
N GLY C 203 -5.42 -23.03 7.73
CA GLY C 203 -4.86 -21.71 7.57
C GLY C 203 -5.78 -20.62 8.09
N ASP C 204 -5.29 -19.39 8.03
CA ASP C 204 -6.06 -18.24 8.50
C ASP C 204 -7.33 -18.08 7.67
N VAL C 205 -8.46 -17.97 8.36
CA VAL C 205 -9.74 -17.74 7.68
C VAL C 205 -9.96 -16.24 7.57
N MET C 206 -10.24 -15.77 6.35
CA MET C 206 -10.20 -14.35 6.08
C MET C 206 -11.55 -13.70 5.89
N SER C 207 -12.56 -14.44 5.43
CA SER C 207 -13.85 -13.83 5.20
C SER C 207 -14.96 -14.87 5.34
N LEU C 208 -16.15 -14.40 5.71
CA LEU C 208 -17.33 -15.23 5.81
C LEU C 208 -18.54 -14.41 5.39
N SER C 209 -19.60 -15.13 4.99
CA SER C 209 -20.87 -14.50 4.63
C SER C 209 -21.99 -15.36 5.20
N LEU C 210 -23.09 -14.73 5.57
CA LEU C 210 -24.23 -15.45 6.11
C LEU C 210 -25.29 -15.65 5.04
N ALA C 211 -25.97 -16.80 5.10
CA ALA C 211 -27.01 -17.12 4.13
C ALA C 211 -28.21 -16.20 4.32
N PRO C 212 -29.00 -15.98 3.26
CA PRO C 212 -30.19 -15.13 3.40
C PRO C 212 -31.19 -15.60 4.44
N ASP C 213 -31.27 -16.91 4.69
CA ASP C 213 -32.11 -17.45 5.75
C ASP C 213 -31.35 -17.59 7.07
N THR C 214 -30.07 -17.22 7.09
CA THR C 214 -29.22 -17.27 8.28
C THR C 214 -29.12 -18.68 8.85
N ARG C 215 -29.51 -19.69 8.05
CA ARG C 215 -29.40 -21.06 8.50
C ARG C 215 -27.96 -21.57 8.43
N LEU C 216 -27.21 -21.16 7.41
CA LEU C 216 -25.85 -21.62 7.19
C LEU C 216 -24.96 -20.42 6.89
N PHE C 217 -23.65 -20.66 6.88
CA PHE C 217 -22.71 -19.62 6.49
C PHE C 217 -21.41 -20.25 6.03
N VAL C 218 -20.81 -19.68 4.99
CA VAL C 218 -19.58 -20.17 4.42
C VAL C 218 -18.43 -19.28 4.83
N SER C 219 -17.23 -19.85 4.85
CA SER C 219 -16.02 -19.10 5.22
C SER C 219 -14.83 -19.63 4.43
N GLY C 220 -14.03 -18.71 3.90
CA GLY C 220 -12.85 -19.06 3.12
C GLY C 220 -11.59 -18.78 3.91
N ALA C 221 -10.58 -19.64 3.73
CA ALA C 221 -9.36 -19.57 4.52
C ALA C 221 -8.15 -19.40 3.61
N CYS C 222 -6.98 -19.34 4.25
CA CYS C 222 -5.71 -19.25 3.55
C CYS C 222 -5.22 -20.58 3.01
N ASP C 223 -5.89 -21.69 3.35
CA ASP C 223 -5.54 -22.98 2.80
C ASP C 223 -6.22 -23.25 1.45
N ALA C 224 -6.64 -22.20 0.76
CA ALA C 224 -7.34 -22.29 -0.52
C ALA C 224 -8.59 -23.15 -0.42
N SER C 225 -9.32 -23.05 0.68
CA SER C 225 -10.52 -23.84 0.89
C SER C 225 -11.62 -23.01 1.53
N ALA C 226 -12.86 -23.34 1.16
CA ALA C 226 -14.04 -22.77 1.76
C ALA C 226 -14.83 -23.87 2.47
N LYS C 227 -15.41 -23.53 3.61
CA LYS C 227 -16.16 -24.50 4.41
C LYS C 227 -17.52 -23.93 4.76
N LEU C 228 -18.54 -24.78 4.69
CA LEU C 228 -19.91 -24.42 5.01
C LEU C 228 -20.25 -24.92 6.41
N TRP C 229 -20.85 -24.05 7.22
CA TRP C 229 -21.12 -24.34 8.62
C TRP C 229 -22.59 -24.08 8.93
N ASP C 230 -23.17 -24.96 9.75
CA ASP C 230 -24.49 -24.71 10.31
C ASP C 230 -24.34 -23.94 11.62
N VAL C 231 -25.06 -22.82 11.73
CA VAL C 231 -24.89 -21.95 12.89
C VAL C 231 -25.38 -22.65 14.16
N ARG C 232 -26.45 -23.44 14.05
CA ARG C 232 -27.07 -24.04 15.22
C ARG C 232 -26.26 -25.19 15.82
N GLU C 233 -25.60 -26.00 14.98
CA GLU C 233 -24.92 -27.20 15.46
C GLU C 233 -23.40 -27.13 15.38
N GLY C 234 -22.85 -26.22 14.59
CA GLY C 234 -21.41 -26.08 14.53
C GLY C 234 -20.68 -27.18 13.78
N MET C 235 -21.37 -27.89 12.89
CA MET C 235 -20.79 -28.98 12.14
C MET C 235 -20.54 -28.54 10.70
N CYS C 236 -19.32 -28.76 10.23
CA CYS C 236 -18.93 -28.40 8.88
C CYS C 236 -19.64 -29.32 7.89
N ARG C 237 -20.72 -28.84 7.29
CA ARG C 237 -21.53 -29.67 6.43
C ARG C 237 -20.79 -30.08 5.15
N GLN C 238 -20.03 -29.15 4.58
CA GLN C 238 -19.47 -29.37 3.25
C GLN C 238 -18.24 -28.50 3.05
N THR C 239 -17.37 -28.90 2.14
CA THR C 239 -16.08 -28.24 1.91
C THR C 239 -15.80 -28.15 0.42
N PHE C 240 -15.31 -27.00 -0.02
CA PHE C 240 -14.92 -26.76 -1.40
C PHE C 240 -13.45 -26.39 -1.49
N THR C 241 -12.76 -26.95 -2.47
CA THR C 241 -11.40 -26.59 -2.81
C THR C 241 -11.32 -26.28 -4.30
N GLY C 242 -10.17 -25.78 -4.73
CA GLY C 242 -9.99 -25.46 -6.13
C GLY C 242 -9.16 -24.21 -6.36
N HIS C 243 -9.13 -23.31 -5.38
CA HIS C 243 -8.30 -22.13 -5.48
C HIS C 243 -6.82 -22.49 -5.43
N GLU C 244 -6.02 -21.67 -6.10
CA GLU C 244 -4.58 -21.86 -6.20
C GLU C 244 -3.81 -21.14 -5.09
N SER C 245 -4.45 -20.21 -4.38
CA SER C 245 -3.75 -19.41 -3.39
C SER C 245 -4.74 -19.03 -2.29
N ASP C 246 -4.37 -18.02 -1.51
CA ASP C 246 -5.16 -17.62 -0.34
C ASP C 246 -6.51 -17.04 -0.77
N ILE C 247 -7.55 -17.33 0.00
CA ILE C 247 -8.87 -16.78 -0.24
C ILE C 247 -9.03 -15.50 0.57
N ASN C 248 -9.47 -14.43 -0.09
CA ASN C 248 -9.63 -13.13 0.56
C ASN C 248 -11.08 -12.67 0.66
N ALA C 249 -11.98 -13.22 -0.13
CA ALA C 249 -13.36 -12.73 -0.15
C ALA C 249 -14.32 -13.89 -0.38
N ILE C 250 -15.55 -13.69 0.06
CA ILE C 250 -16.61 -14.68 -0.10
C ILE C 250 -17.95 -13.99 0.14
N CYS C 251 -18.97 -14.45 -0.57
N CYS C 251 -18.97 -14.45 -0.57
CA CYS C 251 -20.31 -13.89 -0.43
CA CYS C 251 -20.31 -13.90 -0.42
C CYS C 251 -21.31 -14.85 -1.06
C CYS C 251 -21.31 -14.85 -1.06
N PHE C 252 -22.46 -15.01 -0.42
CA PHE C 252 -23.50 -15.88 -0.96
C PHE C 252 -24.16 -15.27 -2.20
N PHE C 253 -24.55 -16.15 -3.11
CA PHE C 253 -25.45 -15.75 -4.17
C PHE C 253 -26.78 -15.32 -3.57
N PRO C 254 -27.46 -14.32 -4.15
CA PRO C 254 -28.70 -13.81 -3.54
C PRO C 254 -29.76 -14.90 -3.38
N ASN C 255 -29.73 -15.91 -4.25
CA ASN C 255 -30.61 -17.06 -4.08
C ASN C 255 -30.30 -17.78 -2.78
N GLY C 256 -29.02 -17.93 -2.44
CA GLY C 256 -28.59 -18.63 -1.25
C GLY C 256 -28.08 -20.03 -1.50
N ASN C 257 -28.09 -20.50 -2.75
CA ASN C 257 -27.65 -21.84 -3.09
C ASN C 257 -26.31 -21.84 -3.82
N ALA C 258 -25.58 -20.74 -3.77
CA ALA C 258 -24.28 -20.64 -4.43
C ALA C 258 -23.49 -19.52 -3.79
N PHE C 259 -22.19 -19.49 -4.07
CA PHE C 259 -21.37 -18.41 -3.52
C PHE C 259 -20.15 -18.21 -4.40
N ALA C 260 -19.61 -17.00 -4.35
CA ALA C 260 -18.42 -16.63 -5.10
C ALA C 260 -17.27 -16.35 -4.13
N THR C 261 -16.08 -16.74 -4.54
CA THR C 261 -14.88 -16.57 -3.73
C THR C 261 -13.79 -15.92 -4.56
N GLY C 262 -13.08 -15.00 -3.94
CA GLY C 262 -11.93 -14.36 -4.58
C GLY C 262 -10.66 -14.81 -3.90
N SER C 263 -9.61 -14.97 -4.70
CA SER C 263 -8.35 -15.49 -4.19
C SER C 263 -7.21 -14.60 -4.66
N ASP C 264 -5.99 -14.94 -4.23
CA ASP C 264 -4.81 -14.16 -4.56
C ASP C 264 -4.18 -14.57 -5.89
N ASP C 265 -4.69 -15.62 -6.53
CA ASP C 265 -4.18 -16.05 -7.82
C ASP C 265 -4.85 -15.34 -9.00
N ALA C 266 -5.43 -14.17 -8.75
CA ALA C 266 -6.10 -13.36 -9.77
C ALA C 266 -7.28 -14.06 -10.42
N THR C 267 -7.95 -14.96 -9.69
CA THR C 267 -9.13 -15.64 -10.21
C THR C 267 -10.26 -15.57 -9.20
N CYS C 268 -11.48 -15.45 -9.71
CA CYS C 268 -12.69 -15.60 -8.90
C CYS C 268 -13.34 -16.93 -9.27
N ARG C 269 -13.97 -17.57 -8.29
CA ARG C 269 -14.58 -18.86 -8.53
C ARG C 269 -15.97 -18.90 -7.91
N LEU C 270 -16.95 -19.29 -8.72
CA LEU C 270 -18.34 -19.42 -8.28
C LEU C 270 -18.65 -20.90 -8.13
N PHE C 271 -19.05 -21.28 -6.92
CA PHE C 271 -19.39 -22.65 -6.56
C PHE C 271 -20.87 -22.74 -6.20
N ASP C 272 -21.40 -23.96 -6.30
CA ASP C 272 -22.76 -24.27 -5.91
C ASP C 272 -22.77 -25.12 -4.65
N LEU C 273 -23.73 -24.85 -3.76
CA LEU C 273 -23.82 -25.59 -2.52
C LEU C 273 -24.23 -27.04 -2.76
N ARG C 274 -25.28 -27.26 -3.57
CA ARG C 274 -25.77 -28.61 -3.78
C ARG C 274 -24.89 -29.40 -4.73
N ALA C 275 -24.28 -28.75 -5.72
CA ALA C 275 -23.47 -29.44 -6.71
C ALA C 275 -22.11 -29.89 -6.18
N ASP C 276 -21.61 -29.26 -5.11
CA ASP C 276 -20.34 -29.62 -4.49
C ASP C 276 -19.19 -29.43 -5.48
N GLN C 277 -19.43 -28.68 -6.55
CA GLN C 277 -18.44 -28.52 -7.62
C GLN C 277 -18.22 -27.04 -7.93
N GLU C 278 -17.16 -26.80 -8.69
CA GLU C 278 -16.90 -25.45 -9.20
C GLU C 278 -17.71 -25.21 -10.47
N LEU C 279 -18.43 -24.09 -10.50
CA LEU C 279 -19.24 -23.73 -11.65
C LEU C 279 -18.58 -22.73 -12.58
N MET C 280 -18.06 -21.63 -12.05
CA MET C 280 -17.47 -20.64 -12.93
C MET C 280 -16.09 -20.23 -12.43
N THR C 281 -15.21 -19.91 -13.38
CA THR C 281 -13.90 -19.33 -13.10
C THR C 281 -13.76 -18.05 -13.90
N TYR C 282 -13.61 -16.93 -13.21
CA TYR C 282 -13.48 -15.61 -13.81
C TYR C 282 -12.02 -15.18 -13.71
N SER C 283 -11.38 -15.00 -14.87
CA SER C 283 -9.99 -14.57 -14.90
C SER C 283 -9.70 -13.95 -16.26
N HIS C 284 -8.64 -13.17 -16.31
CA HIS C 284 -8.17 -12.56 -17.55
C HIS C 284 -6.64 -12.61 -17.57
N ASP C 285 -6.08 -12.63 -18.77
CA ASP C 285 -4.64 -12.74 -18.93
C ASP C 285 -3.91 -11.45 -18.57
N ASN C 286 -4.59 -10.32 -18.54
CA ASN C 286 -3.95 -9.04 -18.24
C ASN C 286 -4.08 -8.63 -16.78
N ILE C 287 -4.66 -9.47 -15.94
CA ILE C 287 -4.79 -9.21 -14.51
C ILE C 287 -3.96 -10.26 -13.77
N ILE C 288 -2.98 -9.80 -12.99
CA ILE C 288 -2.07 -10.67 -12.26
C ILE C 288 -2.03 -10.32 -10.78
N CYS C 289 -3.11 -9.74 -10.25
N CYS C 289 -3.11 -9.74 -10.25
CA CYS C 289 -3.18 -9.35 -8.85
CA CYS C 289 -3.19 -9.34 -8.86
C CYS C 289 -4.40 -9.99 -8.21
C CYS C 289 -4.39 -10.00 -8.20
N GLY C 290 -4.30 -10.21 -6.90
CA GLY C 290 -5.34 -10.91 -6.17
C GLY C 290 -6.63 -10.13 -6.04
N ILE C 291 -7.68 -10.84 -5.64
CA ILE C 291 -9.01 -10.29 -5.45
C ILE C 291 -9.22 -10.07 -3.96
N THR C 292 -9.73 -8.89 -3.60
CA THR C 292 -9.92 -8.54 -2.20
C THR C 292 -11.36 -8.61 -1.73
N SER C 293 -12.32 -8.18 -2.55
CA SER C 293 -13.72 -8.20 -2.13
C SER C 293 -14.58 -8.65 -3.30
N VAL C 294 -15.60 -9.45 -2.99
CA VAL C 294 -16.54 -9.97 -3.98
C VAL C 294 -17.95 -9.82 -3.45
N SER C 295 -18.86 -9.33 -4.30
CA SER C 295 -20.25 -9.28 -3.89
C SER C 295 -21.16 -9.32 -5.11
N PHE C 296 -22.30 -9.98 -4.96
CA PHE C 296 -23.29 -10.07 -6.02
C PHE C 296 -24.24 -8.87 -6.00
N SER C 297 -24.91 -8.66 -7.12
CA SER C 297 -25.96 -7.65 -7.20
C SER C 297 -27.27 -8.22 -6.67
N LYS C 298 -28.36 -7.45 -6.82
CA LYS C 298 -29.65 -7.91 -6.32
C LYS C 298 -30.13 -9.15 -7.08
N SER C 299 -29.99 -9.14 -8.40
CA SER C 299 -30.41 -10.28 -9.20
C SER C 299 -29.34 -11.35 -9.32
N GLY C 300 -28.14 -11.09 -8.84
CA GLY C 300 -27.05 -12.04 -8.95
C GLY C 300 -26.41 -12.10 -10.32
N ARG C 301 -26.84 -11.27 -11.26
CA ARG C 301 -26.29 -11.31 -12.60
C ARG C 301 -24.91 -10.65 -12.66
N LEU C 302 -24.71 -9.59 -11.89
CA LEU C 302 -23.43 -8.86 -11.88
C LEU C 302 -22.69 -9.18 -10.59
N LEU C 303 -21.42 -9.57 -10.73
CA LEU C 303 -20.56 -9.90 -9.61
C LEU C 303 -19.43 -8.86 -9.58
N LEU C 304 -19.44 -7.99 -8.57
CA LEU C 304 -18.45 -6.94 -8.47
C LEU C 304 -17.30 -7.44 -7.63
N ALA C 305 -16.08 -7.30 -8.16
CA ALA C 305 -14.88 -7.79 -7.51
C ALA C 305 -13.84 -6.68 -7.46
N GLY C 306 -13.07 -6.65 -6.38
CA GLY C 306 -12.02 -5.68 -6.20
C GLY C 306 -10.66 -6.31 -6.39
N TYR C 307 -9.75 -5.57 -7.03
CA TYR C 307 -8.44 -6.08 -7.39
C TYR C 307 -7.34 -5.20 -6.82
N ASP C 308 -6.16 -5.79 -6.66
CA ASP C 308 -5.02 -5.08 -6.11
C ASP C 308 -4.43 -4.09 -7.10
N ASP C 309 -4.83 -4.14 -8.37
CA ASP C 309 -4.31 -3.25 -9.39
C ASP C 309 -4.98 -1.88 -9.40
N PHE C 310 -5.62 -1.50 -8.28
CA PHE C 310 -6.23 -0.21 -8.00
C PHE C 310 -7.58 -0.05 -8.68
N ASN C 311 -8.11 -1.11 -9.30
CA ASN C 311 -9.35 -1.02 -10.06
C ASN C 311 -10.41 -1.93 -9.46
N CYS C 312 -11.62 -1.83 -10.02
CA CYS C 312 -12.71 -2.75 -9.71
C CYS C 312 -13.22 -3.33 -11.03
N ASN C 313 -13.67 -4.56 -11.01
CA ASN C 313 -14.18 -5.20 -12.23
C ASN C 313 -15.54 -5.82 -11.98
N VAL C 314 -16.46 -5.63 -12.92
CA VAL C 314 -17.78 -6.25 -12.81
C VAL C 314 -17.83 -7.42 -13.79
N TRP C 315 -18.05 -8.61 -13.27
CA TRP C 315 -18.16 -9.82 -14.07
C TRP C 315 -19.62 -10.17 -14.29
N ASP C 316 -19.89 -10.73 -15.47
CA ASP C 316 -21.19 -11.33 -15.75
C ASP C 316 -21.19 -12.72 -15.12
N ALA C 317 -21.88 -12.86 -13.99
CA ALA C 317 -21.88 -14.10 -13.24
C ALA C 317 -22.48 -15.27 -14.02
N LEU C 318 -22.94 -15.03 -15.24
CA LEU C 318 -23.52 -16.06 -16.08
C LEU C 318 -22.71 -16.38 -17.32
N LYS C 319 -22.02 -15.39 -17.89
CA LYS C 319 -21.26 -15.58 -19.11
C LYS C 319 -19.76 -15.40 -18.92
N ALA C 320 -19.31 -15.09 -17.70
CA ALA C 320 -17.91 -15.01 -17.31
C ALA C 320 -17.16 -13.88 -18.01
N ASP C 321 -17.84 -13.06 -18.81
CA ASP C 321 -17.20 -11.96 -19.50
C ASP C 321 -17.31 -10.68 -18.68
N ARG C 322 -16.26 -9.88 -18.69
CA ARG C 322 -16.27 -8.61 -17.98
C ARG C 322 -17.27 -7.66 -18.61
N ALA C 323 -18.13 -7.06 -17.79
CA ALA C 323 -19.11 -6.10 -18.26
C ALA C 323 -18.72 -4.66 -17.96
N GLY C 324 -17.53 -4.43 -17.42
CA GLY C 324 -17.11 -3.07 -17.13
C GLY C 324 -16.07 -2.95 -16.03
N VAL C 325 -15.40 -1.81 -16.01
CA VAL C 325 -14.34 -1.53 -15.04
C VAL C 325 -14.67 -0.24 -14.31
N LEU C 326 -14.38 -0.22 -13.02
CA LEU C 326 -14.55 0.94 -12.15
C LEU C 326 -13.14 1.37 -11.74
N ALA C 327 -12.56 2.27 -12.53
CA ALA C 327 -11.21 2.78 -12.26
C ALA C 327 -11.30 4.17 -11.65
N GLY C 328 -11.63 4.20 -10.36
CA GLY C 328 -11.75 5.47 -9.66
C GLY C 328 -10.79 5.60 -8.50
N HIS C 329 -10.05 4.53 -8.19
CA HIS C 329 -9.17 4.49 -7.04
C HIS C 329 -7.72 4.49 -7.47
N ASP C 330 -6.90 5.28 -6.76
CA ASP C 330 -5.47 5.35 -7.00
C ASP C 330 -4.68 4.37 -6.15
N ASN C 331 -5.35 3.55 -5.34
CA ASN C 331 -4.70 2.53 -4.54
C ASN C 331 -5.58 1.29 -4.54
N ARG C 332 -5.09 0.23 -3.91
CA ARG C 332 -5.82 -1.04 -3.92
C ARG C 332 -7.14 -0.90 -3.20
N VAL C 333 -8.18 -1.52 -3.76
CA VAL C 333 -9.51 -1.50 -3.16
C VAL C 333 -9.60 -2.66 -2.17
N SER C 334 -10.12 -2.39 -0.98
CA SER C 334 -10.12 -3.40 0.07
C SER C 334 -11.51 -3.82 0.51
N CYS C 335 -12.53 -3.00 0.29
CA CYS C 335 -13.87 -3.39 0.71
C CYS C 335 -14.86 -2.98 -0.38
N LEU C 336 -15.92 -3.77 -0.50
CA LEU C 336 -16.90 -3.53 -1.55
C LEU C 336 -18.24 -4.11 -1.11
N GLY C 337 -19.32 -3.47 -1.53
CA GLY C 337 -20.64 -3.91 -1.12
C GLY C 337 -21.81 -3.38 -1.90
N VAL C 338 -22.90 -4.16 -1.95
CA VAL C 338 -24.12 -3.81 -2.66
C VAL C 338 -25.24 -3.66 -1.64
N THR C 339 -26.27 -2.90 -1.99
CA THR C 339 -27.40 -2.69 -1.08
C THR C 339 -28.16 -4.00 -0.89
N ASP C 340 -29.15 -3.95 0.01
CA ASP C 340 -30.17 -4.99 0.04
C ASP C 340 -31.20 -4.79 -1.06
N ASP C 341 -31.32 -3.57 -1.59
CA ASP C 341 -32.22 -3.26 -2.69
C ASP C 341 -31.55 -3.30 -4.05
N GLY C 342 -30.25 -3.56 -4.11
CA GLY C 342 -29.51 -3.59 -5.35
C GLY C 342 -29.36 -2.25 -6.04
N MET C 343 -29.42 -1.14 -5.29
CA MET C 343 -29.52 0.15 -5.94
C MET C 343 -28.16 0.77 -6.24
N ALA C 344 -27.15 0.51 -5.42
CA ALA C 344 -25.84 1.13 -5.62
C ALA C 344 -24.78 0.25 -4.99
N VAL C 345 -23.52 0.52 -5.36
CA VAL C 345 -22.38 -0.25 -4.89
C VAL C 345 -21.35 0.70 -4.31
N ALA C 346 -20.85 0.39 -3.11
CA ALA C 346 -19.82 1.18 -2.48
C ALA C 346 -18.49 0.44 -2.54
N THR C 347 -17.43 1.17 -2.86
CA THR C 347 -16.07 0.66 -2.88
C THR C 347 -15.20 1.53 -1.99
N GLY C 348 -14.46 0.88 -1.11
CA GLY C 348 -13.51 1.56 -0.23
C GLY C 348 -12.11 1.01 -0.44
N SER C 349 -11.17 1.91 -0.65
CA SER C 349 -9.80 1.55 -1.02
C SER C 349 -8.83 2.15 -0.02
N TRP C 350 -7.55 1.83 -0.20
CA TRP C 350 -6.51 2.23 0.73
C TRP C 350 -6.09 3.69 0.57
N ASP C 351 -6.81 4.47 -0.23
CA ASP C 351 -6.58 5.90 -0.31
C ASP C 351 -7.43 6.70 0.68
N SER C 352 -8.16 6.01 1.55
CA SER C 352 -9.01 6.63 2.57
C SER C 352 -10.19 7.36 1.95
N PHE C 353 -10.82 6.75 0.94
CA PHE C 353 -12.00 7.30 0.31
C PHE C 353 -12.99 6.18 0.03
N LEU C 354 -14.28 6.49 0.11
CA LEU C 354 -15.34 5.62 -0.35
C LEU C 354 -16.00 6.23 -1.57
N LYS C 355 -16.37 5.39 -2.52
CA LYS C 355 -17.03 5.85 -3.74
C LYS C 355 -18.27 5.03 -3.99
N ILE C 356 -19.35 5.70 -4.36
CA ILE C 356 -20.63 5.06 -4.65
C ILE C 356 -20.85 5.05 -6.15
N TRP C 357 -21.29 3.92 -6.68
CA TRP C 357 -21.47 3.71 -8.10
C TRP C 357 -22.88 3.23 -8.35
N ASN C 358 -23.51 3.77 -9.40
CA ASN C 358 -24.86 3.39 -9.77
C ASN C 358 -25.12 3.70 -11.24
N SER D 8 -0.60 -35.10 13.50
CA SER D 8 -0.77 -35.93 14.68
C SER D 8 -1.85 -37.00 14.46
N ILE D 9 -1.94 -37.94 15.38
CA ILE D 9 -2.93 -39.00 15.27
C ILE D 9 -4.34 -38.47 15.47
N ALA D 10 -4.54 -37.57 16.44
CA ALA D 10 -5.86 -37.01 16.67
C ALA D 10 -6.35 -36.20 15.47
N GLN D 11 -5.48 -35.36 14.91
CA GLN D 11 -5.84 -34.61 13.72
C GLN D 11 -6.11 -35.51 12.53
N ALA D 12 -5.32 -36.56 12.34
CA ALA D 12 -5.57 -37.51 11.27
C ALA D 12 -6.91 -38.20 11.43
N ARG D 13 -7.24 -38.63 12.66
CA ARG D 13 -8.53 -39.27 12.89
C ARG D 13 -9.68 -38.30 12.66
N LYS D 14 -9.54 -37.04 13.08
CA LYS D 14 -10.57 -36.05 12.85
C LYS D 14 -10.77 -35.80 11.35
N LEU D 15 -9.68 -35.69 10.61
CA LEU D 15 -9.79 -35.52 9.16
C LEU D 15 -10.44 -36.73 8.51
N VAL D 16 -10.08 -37.94 8.95
CA VAL D 16 -10.66 -39.15 8.38
C VAL D 16 -12.17 -39.19 8.62
N GLU D 17 -12.60 -38.92 9.85
CA GLU D 17 -14.03 -38.97 10.14
C GLU D 17 -14.78 -37.85 9.43
N GLN D 18 -14.19 -36.66 9.32
CA GLN D 18 -14.84 -35.57 8.60
C GLN D 18 -15.00 -35.92 7.12
N LEU D 19 -13.95 -36.49 6.50
CA LEU D 19 -14.05 -36.88 5.10
C LEU D 19 -15.08 -37.99 4.91
N LYS D 20 -15.11 -38.98 5.81
CA LYS D 20 -16.09 -40.05 5.70
C LYS D 20 -17.51 -39.52 5.82
N MET D 21 -17.73 -38.58 6.75
CA MET D 21 -19.07 -38.02 6.93
C MET D 21 -19.47 -37.12 5.76
N GLU D 22 -18.51 -36.41 5.17
CA GLU D 22 -18.80 -35.55 4.04
C GLU D 22 -19.01 -36.34 2.75
N ALA D 23 -18.40 -37.52 2.63
CA ALA D 23 -18.54 -38.32 1.42
C ALA D 23 -19.96 -38.85 1.24
N ASN D 24 -20.76 -38.82 2.30
CA ASN D 24 -22.12 -39.33 2.26
C ASN D 24 -23.15 -38.28 1.85
N ILE D 25 -22.69 -37.11 1.41
CA ILE D 25 -23.61 -36.05 0.97
C ILE D 25 -24.02 -36.29 -0.48
N ASP D 26 -25.32 -36.17 -0.74
CA ASP D 26 -25.88 -36.40 -2.05
C ASP D 26 -25.78 -35.11 -2.88
N ARG D 27 -25.17 -35.23 -4.06
CA ARG D 27 -24.99 -34.10 -4.96
C ARG D 27 -25.97 -34.19 -6.12
N ILE D 28 -26.33 -33.03 -6.65
CA ILE D 28 -27.23 -32.96 -7.79
C ILE D 28 -26.41 -32.71 -9.05
N LYS D 29 -27.05 -32.91 -10.20
CA LYS D 29 -26.38 -32.67 -11.48
C LYS D 29 -26.10 -31.19 -11.66
N VAL D 30 -25.07 -30.88 -12.45
CA VAL D 30 -24.72 -29.49 -12.72
C VAL D 30 -25.85 -28.79 -13.47
N SER D 31 -26.54 -29.53 -14.35
CA SER D 31 -27.63 -28.93 -15.14
C SER D 31 -28.76 -28.44 -14.25
N LYS D 32 -29.03 -29.14 -13.15
CA LYS D 32 -30.09 -28.70 -12.24
C LYS D 32 -29.75 -27.36 -11.59
N ALA D 33 -28.52 -27.22 -11.10
CA ALA D 33 -28.09 -25.94 -10.53
C ALA D 33 -28.08 -24.86 -11.60
N ALA D 34 -27.71 -25.22 -12.83
CA ALA D 34 -27.75 -24.28 -13.93
C ALA D 34 -29.16 -23.76 -14.17
N ALA D 35 -30.14 -24.66 -14.22
CA ALA D 35 -31.52 -24.26 -14.42
C ALA D 35 -32.04 -23.41 -13.27
N ASP D 36 -31.68 -23.77 -12.03
CA ASP D 36 -32.08 -22.97 -10.89
C ASP D 36 -31.52 -21.56 -10.96
N LEU D 37 -30.23 -21.43 -11.33
CA LEU D 37 -29.63 -20.11 -11.47
C LEU D 37 -30.29 -19.33 -12.60
N MET D 38 -30.59 -20.00 -13.71
CA MET D 38 -31.25 -19.31 -14.82
C MET D 38 -32.61 -18.77 -14.38
N ALA D 39 -33.39 -19.60 -13.69
CA ALA D 39 -34.71 -19.17 -13.24
C ALA D 39 -34.61 -18.02 -12.26
N TYR D 40 -33.66 -18.09 -11.32
CA TYR D 40 -33.52 -17.01 -10.35
C TYR D 40 -33.08 -15.71 -11.03
N CYS D 41 -32.17 -15.78 -12.00
CA CYS D 41 -31.69 -14.58 -12.66
C CYS D 41 -32.77 -13.96 -13.53
N GLU D 42 -33.55 -14.79 -14.22
CA GLU D 42 -34.63 -14.25 -15.04
C GLU D 42 -35.80 -13.76 -14.22
N ALA D 43 -35.98 -14.28 -13.00
CA ALA D 43 -37.08 -13.84 -12.15
C ALA D 43 -36.83 -12.48 -11.53
N HIS D 44 -35.57 -12.05 -11.44
CA HIS D 44 -35.22 -10.78 -10.82
C HIS D 44 -34.45 -9.86 -11.76
N ALA D 45 -34.43 -10.15 -13.06
CA ALA D 45 -33.70 -9.30 -14.00
C ALA D 45 -34.34 -7.92 -14.09
N LYS D 46 -35.67 -7.85 -14.07
CA LYS D 46 -36.38 -6.58 -14.22
C LYS D 46 -36.33 -5.72 -12.96
N GLU D 47 -35.89 -6.28 -11.82
CA GLU D 47 -35.88 -5.55 -10.56
C GLU D 47 -34.47 -5.23 -10.09
N ASP D 48 -33.46 -5.34 -10.95
CA ASP D 48 -32.09 -5.05 -10.55
C ASP D 48 -31.68 -3.71 -11.14
N PRO D 49 -31.54 -2.66 -10.33
CA PRO D 49 -31.16 -1.35 -10.88
C PRO D 49 -29.81 -1.35 -11.58
N LEU D 50 -28.85 -2.15 -11.12
CA LEU D 50 -27.55 -2.22 -11.79
C LEU D 50 -27.63 -2.89 -13.14
N LEU D 51 -28.49 -3.92 -13.28
CA LEU D 51 -28.66 -4.61 -14.55
C LEU D 51 -29.48 -3.79 -15.52
N THR D 52 -30.68 -3.39 -15.13
CA THR D 52 -31.53 -2.53 -15.94
C THR D 52 -31.41 -1.11 -15.43
N PRO D 53 -30.80 -0.19 -16.18
CA PRO D 53 -30.64 1.18 -15.66
C PRO D 53 -31.98 1.85 -15.42
N VAL D 54 -32.14 2.38 -14.21
CA VAL D 54 -33.38 3.03 -13.79
C VAL D 54 -33.34 4.50 -14.23
N PRO D 55 -34.48 5.14 -14.43
CA PRO D 55 -34.48 6.57 -14.76
C PRO D 55 -33.90 7.40 -13.62
N ALA D 56 -33.28 8.52 -13.99
CA ALA D 56 -32.68 9.40 -12.99
C ALA D 56 -33.71 10.01 -12.04
N SER D 57 -34.98 10.02 -12.43
CA SER D 57 -36.02 10.57 -11.55
C SER D 57 -36.19 9.72 -10.29
N GLU D 58 -36.12 8.40 -10.43
CA GLU D 58 -36.29 7.48 -9.31
C GLU D 58 -34.96 7.05 -8.70
N ASN D 59 -33.85 7.66 -9.12
CA ASN D 59 -32.54 7.32 -8.60
C ASN D 59 -32.20 8.26 -7.46
N PRO D 60 -32.03 7.75 -6.22
CA PRO D 60 -31.73 8.64 -5.09
C PRO D 60 -30.38 9.33 -5.17
N PHE D 61 -29.43 8.82 -5.96
CA PHE D 61 -28.09 9.38 -6.01
C PHE D 61 -27.91 10.41 -7.12
N ARG D 62 -28.95 10.70 -7.89
CA ARG D 62 -28.91 11.72 -8.93
C ARG D 62 -29.53 12.99 -8.36
N GLU D 63 -28.70 13.79 -7.70
CA GLU D 63 -29.13 15.03 -7.06
C GLU D 63 -30.25 14.78 -6.06
N GLN E 23 -7.49 -28.73 -5.84
CA GLN E 23 -6.80 -29.05 -4.59
C GLN E 23 -5.29 -29.06 -4.79
N VAL E 24 -4.58 -28.29 -3.96
CA VAL E 24 -3.12 -28.23 -4.04
C VAL E 24 -2.54 -29.50 -3.43
N GLN E 25 -1.60 -30.12 -4.14
CA GLN E 25 -0.97 -31.36 -3.70
C GLN E 25 0.51 -31.32 -4.06
N LEU E 26 1.37 -31.17 -3.06
CA LEU E 26 2.81 -31.21 -3.23
C LEU E 26 3.33 -32.48 -2.58
N GLN E 27 3.78 -33.42 -3.39
CA GLN E 27 4.24 -34.72 -2.90
C GLN E 27 5.72 -34.88 -3.25
N GLU E 28 6.54 -35.12 -2.23
CA GLU E 28 7.96 -35.35 -2.40
C GLU E 28 8.27 -36.84 -2.26
N SER E 29 9.37 -37.27 -2.88
CA SER E 29 9.73 -38.67 -2.90
C SER E 29 11.24 -38.81 -2.86
N GLY E 30 11.69 -40.00 -2.50
CA GLY E 30 13.11 -40.30 -2.41
C GLY E 30 13.63 -40.20 -0.99
N GLY E 31 14.91 -40.54 -0.85
CA GLY E 31 15.58 -40.47 0.44
C GLY E 31 15.37 -41.71 1.28
N GLY E 32 16.11 -41.77 2.38
CA GLY E 32 16.05 -42.89 3.28
C GLY E 32 17.40 -43.11 3.94
N LEU E 33 17.58 -44.31 4.48
CA LEU E 33 18.83 -44.66 5.12
C LEU E 33 19.95 -44.76 4.10
N VAL E 34 21.11 -44.21 4.44
CA VAL E 34 22.26 -44.23 3.54
C VAL E 34 23.51 -43.95 4.37
N GLN E 35 24.63 -44.51 3.93
CA GLN E 35 25.90 -44.24 4.59
C GLN E 35 26.35 -42.81 4.30
N PRO E 36 27.14 -42.21 5.20
CA PRO E 36 27.65 -40.86 4.95
C PRO E 36 28.49 -40.82 3.67
N GLY E 37 28.40 -39.70 2.97
CA GLY E 37 29.11 -39.52 1.71
C GLY E 37 28.36 -39.99 0.49
N GLY E 38 27.16 -40.54 0.65
CA GLY E 38 26.38 -41.01 -0.48
C GLY E 38 25.68 -39.87 -1.21
N SER E 39 25.00 -40.25 -2.29
CA SER E 39 24.28 -39.31 -3.13
C SER E 39 22.81 -39.70 -3.16
N LEU E 40 21.93 -38.70 -2.99
CA LEU E 40 20.48 -38.93 -2.98
C LEU E 40 19.81 -37.86 -3.82
N ARG E 41 18.66 -38.21 -4.40
CA ARG E 41 17.87 -37.32 -5.21
C ARG E 41 16.45 -37.26 -4.66
N LEU E 42 15.93 -36.05 -4.47
CA LEU E 42 14.58 -35.83 -3.99
C LEU E 42 13.75 -35.18 -5.10
N SER E 43 12.62 -35.79 -5.42
CA SER E 43 11.72 -35.27 -6.45
C SER E 43 10.41 -34.86 -5.81
N CYS E 44 9.97 -33.64 -6.09
CA CYS E 44 8.73 -33.09 -5.55
C CYS E 44 7.71 -33.00 -6.68
N ALA E 45 6.55 -33.61 -6.48
CA ALA E 45 5.48 -33.63 -7.46
C ALA E 45 4.43 -32.60 -7.11
N ALA E 46 4.15 -31.69 -8.05
CA ALA E 46 3.18 -30.63 -7.86
C ALA E 46 2.01 -30.82 -8.80
N SER E 47 0.80 -30.86 -8.24
CA SER E 47 -0.41 -31.07 -9.02
C SER E 47 -1.50 -30.13 -8.54
N GLY E 48 -2.33 -29.68 -9.48
CA GLY E 48 -3.47 -28.86 -9.16
C GLY E 48 -3.25 -27.37 -9.26
N PHE E 49 -2.12 -26.92 -9.81
CA PHE E 49 -1.85 -25.49 -9.92
C PHE E 49 -0.76 -25.27 -10.97
N THR E 50 -0.52 -24.00 -11.26
CA THR E 50 0.51 -23.61 -12.23
C THR E 50 1.87 -23.63 -11.54
N PHE E 51 2.68 -24.62 -11.89
CA PHE E 51 3.98 -24.79 -11.24
C PHE E 51 4.97 -23.71 -11.65
N SER E 52 4.83 -23.15 -12.85
CA SER E 52 5.82 -22.22 -13.36
C SER E 52 5.72 -20.86 -12.70
N ASN E 53 4.54 -20.47 -12.21
CA ASN E 53 4.33 -19.14 -11.68
C ASN E 53 4.70 -19.03 -10.19
N TYR E 54 5.14 -20.10 -9.56
CA TYR E 54 5.37 -20.13 -8.12
C TYR E 54 6.85 -20.32 -7.80
N LYS E 55 7.36 -19.46 -6.93
CA LYS E 55 8.65 -19.70 -6.29
C LYS E 55 8.55 -20.93 -5.42
N MET E 56 9.59 -21.75 -5.43
CA MET E 56 9.60 -23.00 -4.69
C MET E 56 10.78 -23.05 -3.74
N ASN E 57 10.59 -23.73 -2.61
CA ASN E 57 11.62 -23.84 -1.59
C ASN E 57 11.68 -25.28 -1.09
N TRP E 58 12.83 -25.64 -0.54
CA TRP E 58 13.01 -26.92 0.14
C TRP E 58 13.30 -26.65 1.61
N VAL E 59 12.50 -27.25 2.48
CA VAL E 59 12.61 -27.04 3.92
C VAL E 59 12.74 -28.39 4.61
N ARG E 60 13.72 -28.50 5.50
CA ARG E 60 13.93 -29.71 6.29
C ARG E 60 13.69 -29.41 7.76
N GLN E 61 13.31 -30.45 8.50
CA GLN E 61 13.05 -30.34 9.93
C GLN E 61 13.94 -31.35 10.66
N ALA E 62 14.96 -30.85 11.34
CA ALA E 62 15.85 -31.72 12.10
C ALA E 62 15.12 -32.29 13.32
N PRO E 63 15.45 -33.52 13.72
CA PRO E 63 14.83 -34.10 14.92
C PRO E 63 15.18 -33.28 16.14
N GLY E 64 14.15 -32.83 16.85
CA GLY E 64 14.33 -31.99 18.02
C GLY E 64 14.53 -30.53 17.73
N LYS E 65 14.45 -30.11 16.47
CA LYS E 65 14.64 -28.72 16.08
C LYS E 65 13.56 -28.32 15.09
N GLY E 66 13.30 -27.01 15.03
CA GLY E 66 12.29 -26.49 14.15
C GLY E 66 12.71 -26.53 12.68
N LEU E 67 11.73 -26.25 11.82
CA LEU E 67 11.98 -26.26 10.38
C LEU E 67 12.96 -25.15 10.01
N GLU E 68 13.85 -25.45 9.07
CA GLU E 68 14.84 -24.50 8.61
C GLU E 68 14.92 -24.52 7.09
N TRP E 69 15.21 -23.36 6.51
CA TRP E 69 15.30 -23.25 5.06
C TRP E 69 16.58 -23.91 4.55
N VAL E 70 16.47 -24.63 3.43
CA VAL E 70 17.59 -25.41 2.93
C VAL E 70 17.93 -25.05 1.49
N SER E 71 16.93 -24.61 0.72
CA SER E 71 17.16 -24.37 -0.69
C SER E 71 16.11 -23.39 -1.22
N ASP E 72 16.36 -22.89 -2.42
CA ASP E 72 15.46 -21.95 -3.07
C ASP E 72 15.60 -22.09 -4.58
N ILE E 73 14.56 -21.64 -5.28
CA ILE E 73 14.57 -21.61 -6.74
C ILE E 73 13.48 -20.63 -7.18
N SER E 74 13.79 -19.86 -8.22
CA SER E 74 12.90 -18.81 -8.68
C SER E 74 11.91 -19.35 -9.71
N GLN E 75 11.09 -18.45 -10.27
CA GLN E 75 10.09 -18.87 -11.24
C GLN E 75 10.74 -19.40 -12.51
N SER E 76 11.80 -18.75 -12.97
CA SER E 76 12.50 -19.16 -14.18
C SER E 76 13.80 -19.90 -13.89
N GLY E 77 14.14 -20.10 -12.61
CA GLY E 77 15.40 -20.74 -12.27
C GLY E 77 16.62 -19.86 -12.40
N ALA E 78 16.44 -18.56 -12.66
CA ALA E 78 17.58 -17.67 -12.81
C ALA E 78 18.32 -17.49 -11.49
N SER E 79 17.58 -17.30 -10.40
CA SER E 79 18.16 -17.05 -9.08
C SER E 79 18.08 -18.33 -8.24
N ILE E 80 19.22 -18.77 -7.74
CA ILE E 80 19.32 -19.97 -6.93
C ILE E 80 20.07 -19.62 -5.65
N SER E 81 19.54 -20.03 -4.50
CA SER E 81 20.15 -19.76 -3.22
C SER E 81 20.14 -21.02 -2.37
N TYR E 82 21.09 -21.10 -1.44
CA TYR E 82 21.20 -22.23 -0.53
C TYR E 82 21.52 -21.74 0.87
N THR E 83 21.26 -22.59 1.85
CA THR E 83 21.73 -22.35 3.21
C THR E 83 23.24 -22.48 3.26
N GLY E 84 23.88 -21.66 4.09
CA GLY E 84 25.33 -21.67 4.17
C GLY E 84 25.89 -23.01 4.57
N SER E 85 25.18 -23.72 5.46
CA SER E 85 25.66 -25.03 5.90
C SER E 85 25.68 -26.03 4.74
N VAL E 86 24.66 -26.00 3.88
CA VAL E 86 24.55 -26.97 2.79
C VAL E 86 25.08 -26.36 1.51
N LYS E 87 25.82 -25.26 1.62
CA LYS E 87 26.38 -24.62 0.44
C LYS E 87 27.47 -25.48 -0.17
N GLY E 88 27.39 -25.69 -1.48
CA GLY E 88 28.38 -26.47 -2.21
C GLY E 88 28.12 -27.96 -2.26
N ARG E 89 27.11 -28.45 -1.55
CA ARG E 89 26.78 -29.87 -1.54
C ARG E 89 25.41 -30.20 -2.09
N PHE E 90 24.46 -29.27 -2.06
CA PHE E 90 23.11 -29.51 -2.53
C PHE E 90 22.88 -28.77 -3.84
N THR E 91 22.19 -29.43 -4.77
CA THR E 91 21.84 -28.83 -6.06
C THR E 91 20.35 -28.97 -6.26
N ILE E 92 19.71 -27.89 -6.70
CA ILE E 92 18.27 -27.83 -6.90
C ILE E 92 17.99 -27.67 -8.38
N SER E 93 17.00 -28.40 -8.89
CA SER E 93 16.60 -28.34 -10.28
C SER E 93 15.08 -28.24 -10.38
N ARG E 94 14.62 -27.39 -11.28
CA ARG E 94 13.19 -27.14 -11.47
C ARG E 94 12.84 -27.33 -12.93
N ASP E 95 11.78 -28.10 -13.20
CA ASP E 95 11.29 -28.36 -14.54
C ASP E 95 9.82 -27.93 -14.60
N ASN E 96 9.56 -26.79 -15.23
CA ASN E 96 8.19 -26.29 -15.31
C ASN E 96 7.33 -27.15 -16.23
N ALA E 97 7.92 -27.67 -17.31
CA ALA E 97 7.16 -28.48 -18.25
C ALA E 97 6.65 -29.75 -17.60
N LYS E 98 7.49 -30.42 -16.83
CA LYS E 98 7.11 -31.65 -16.14
C LYS E 98 6.46 -31.40 -14.79
N ASN E 99 6.57 -30.16 -14.27
CA ASN E 99 5.98 -29.79 -12.98
C ASN E 99 6.55 -30.65 -11.85
N THR E 100 7.88 -30.76 -11.81
CA THR E 100 8.57 -31.53 -10.78
C THR E 100 9.79 -30.77 -10.32
N LEU E 101 10.01 -30.73 -9.01
CA LEU E 101 11.14 -30.04 -8.40
C LEU E 101 12.14 -31.08 -7.91
N TYR E 102 13.40 -30.91 -8.28
CA TYR E 102 14.45 -31.86 -7.93
C TYR E 102 15.46 -31.22 -6.98
N LEU E 103 15.94 -32.01 -6.02
CA LEU E 103 17.02 -31.61 -5.13
C LEU E 103 17.97 -32.80 -5.02
N GLN E 104 19.22 -32.60 -5.44
CA GLN E 104 20.23 -33.64 -5.42
C GLN E 104 21.23 -33.30 -4.32
N MET E 105 21.48 -34.26 -3.43
CA MET E 105 22.39 -34.09 -2.32
C MET E 105 23.52 -35.11 -2.42
N ASN E 106 24.76 -34.64 -2.23
CA ASN E 106 25.93 -35.51 -2.25
C ASN E 106 26.85 -35.13 -1.10
N SER E 107 27.68 -36.09 -0.69
CA SER E 107 28.61 -35.93 0.42
C SER E 107 27.87 -35.51 1.69
N LEU E 108 26.92 -36.35 2.09
CA LEU E 108 26.10 -36.06 3.26
C LEU E 108 26.93 -36.12 4.53
N LYS E 109 26.56 -35.28 5.50
CA LYS E 109 27.16 -35.21 6.81
C LYS E 109 26.23 -35.83 7.85
N PRO E 110 26.78 -36.32 8.98
CA PRO E 110 25.91 -36.94 9.99
C PRO E 110 24.89 -35.99 10.60
N GLU E 111 25.12 -34.68 10.50
CA GLU E 111 24.17 -33.69 11.00
C GLU E 111 23.14 -33.28 9.95
N ASP E 112 23.18 -33.87 8.77
CA ASP E 112 22.27 -33.51 7.69
C ASP E 112 20.99 -34.34 7.68
N THR E 113 20.81 -35.25 8.63
CA THR E 113 19.60 -36.06 8.68
C THR E 113 18.42 -35.22 9.20
N ALA E 114 17.30 -35.28 8.48
CA ALA E 114 16.11 -34.52 8.81
C ALA E 114 14.99 -34.96 7.89
N VAL E 115 13.78 -34.52 8.22
CA VAL E 115 12.61 -34.75 7.37
C VAL E 115 12.45 -33.56 6.44
N TYR E 116 12.41 -33.83 5.15
CA TYR E 116 12.42 -32.78 4.12
C TYR E 116 11.03 -32.58 3.55
N TYR E 117 10.60 -31.33 3.48
CA TYR E 117 9.31 -30.96 2.92
C TYR E 117 9.51 -30.09 1.68
N CYS E 118 8.67 -30.32 0.67
CA CYS E 118 8.65 -29.48 -0.52
C CYS E 118 7.66 -28.35 -0.28
N ALA E 119 8.17 -27.17 0.05
CA ALA E 119 7.35 -26.05 0.46
C ALA E 119 7.24 -25.03 -0.68
N ARG E 120 6.02 -24.59 -0.95
CA ARG E 120 5.77 -23.60 -1.98
C ARG E 120 5.60 -22.21 -1.36
N CYS E 121 6.11 -21.21 -2.04
CA CYS E 121 5.98 -19.84 -1.56
C CYS E 121 4.52 -19.38 -1.72
N PRO E 122 4.04 -18.54 -0.80
CA PRO E 122 2.58 -18.32 -0.69
C PRO E 122 1.91 -17.78 -1.94
N ALA E 123 2.54 -16.88 -2.68
CA ALA E 123 1.81 -16.12 -3.69
C ALA E 123 2.49 -16.21 -5.05
N PRO E 124 1.73 -16.12 -6.13
CA PRO E 124 2.33 -16.15 -7.47
C PRO E 124 2.91 -14.80 -7.86
N PHE E 125 3.84 -14.85 -8.81
CA PHE E 125 4.47 -13.66 -9.39
C PHE E 125 5.07 -12.78 -8.30
N THR E 126 5.66 -13.41 -7.30
CA THR E 126 6.28 -12.69 -6.19
C THR E 126 7.52 -13.44 -5.74
N ARG E 127 8.58 -12.70 -5.42
CA ARG E 127 9.82 -13.27 -4.90
C ARG E 127 9.82 -13.37 -3.38
N ASP E 128 8.64 -13.57 -2.77
CA ASP E 128 8.50 -13.51 -1.33
C ASP E 128 7.99 -14.84 -0.82
N CYS E 129 8.51 -15.26 0.33
CA CYS E 129 8.12 -16.53 0.92
C CYS E 129 8.05 -16.39 2.44
N PHE E 130 7.04 -16.99 3.05
CA PHE E 130 6.86 -17.07 4.49
C PHE E 130 6.55 -18.50 4.90
N ASP E 131 7.24 -19.47 4.31
CA ASP E 131 6.93 -20.88 4.46
C ASP E 131 7.84 -21.60 5.44
N VAL E 132 8.62 -20.87 6.23
CA VAL E 132 9.54 -21.49 7.18
C VAL E 132 8.79 -21.70 8.50
N THR E 133 7.47 -21.48 8.46
CA THR E 133 6.66 -21.64 9.65
C THR E 133 6.66 -23.08 10.13
N SER E 134 6.46 -23.26 11.44
CA SER E 134 6.61 -24.56 12.08
C SER E 134 5.27 -25.26 12.28
N THR E 135 4.31 -24.59 12.93
CA THR E 135 3.08 -25.25 13.36
C THR E 135 2.27 -25.78 12.19
N THR E 136 1.74 -24.89 11.36
CA THR E 136 0.86 -25.28 10.27
C THR E 136 1.19 -24.48 9.02
N TYR E 137 1.22 -25.16 7.87
CA TYR E 137 1.34 -24.49 6.58
C TYR E 137 0.63 -25.35 5.56
N ALA E 138 -0.32 -24.75 4.83
CA ALA E 138 -1.14 -25.52 3.91
C ALA E 138 -0.33 -26.07 2.75
N TYR E 139 0.59 -25.28 2.21
CA TYR E 139 1.26 -25.62 0.96
C TYR E 139 2.58 -26.33 1.21
N ARG E 140 2.51 -27.45 1.93
CA ARG E 140 3.66 -28.31 2.14
C ARG E 140 3.25 -29.76 2.08
N GLY E 141 4.22 -30.62 1.78
CA GLY E 141 3.98 -32.05 1.71
C GLY E 141 4.11 -32.72 3.06
N GLN E 142 3.84 -34.04 3.06
CA GLN E 142 3.95 -34.81 4.29
C GLN E 142 5.39 -34.87 4.79
N GLY E 143 6.35 -35.08 3.88
CA GLY E 143 7.75 -35.11 4.29
C GLY E 143 8.36 -36.48 4.06
N THR E 144 9.56 -36.48 3.50
CA THR E 144 10.32 -37.69 3.25
C THR E 144 11.51 -37.73 4.20
N GLN E 145 11.63 -38.82 4.95
CA GLN E 145 12.70 -38.95 5.93
C GLN E 145 13.97 -39.45 5.27
N VAL E 146 15.08 -38.78 5.55
CA VAL E 146 16.41 -39.21 5.12
C VAL E 146 17.28 -39.36 6.35
N THR E 147 17.97 -40.49 6.45
CA THR E 147 18.80 -40.81 7.61
C THR E 147 20.20 -41.18 7.14
N VAL E 148 21.21 -40.60 7.81
CA VAL E 148 22.61 -40.90 7.53
C VAL E 148 23.24 -41.44 8.82
N SER E 149 23.92 -42.58 8.70
CA SER E 149 24.57 -43.20 9.85
C SER E 149 25.57 -44.24 9.33
N SER E 150 26.48 -44.62 10.21
CA SER E 150 27.49 -45.62 9.86
C SER E 150 26.97 -47.03 10.10
#